data_8QED
#
_entry.id   8QED
#
_cell.length_a   1.00
_cell.length_b   1.00
_cell.length_c   1.00
_cell.angle_alpha   90.00
_cell.angle_beta   90.00
_cell.angle_gamma   90.00
#
_symmetry.space_group_name_H-M   'P 1'
#
loop_
_entity.id
_entity.type
_entity.pdbx_description
1 polymer 'NPC intracellular sterol transporter 1-related protein 1'
2 branched 2-acetamido-2-deoxy-beta-D-glucopyranose-(1-4)-2-acetamido-2-deoxy-beta-D-glucopyranose
3 non-polymer ERGOSTEROL
4 non-polymer PHOSPHATIDYLETHANOLAMINE
#
_entity_poly.entity_id   1
_entity_poly.type   'polypeptide(L)'
_entity_poly.pdbx_seq_one_letter_code
;MNVLWIIALVGQLMRLVQGTATCAMYGNCGKKSVFGNELPCPVPRSFEPPVLSDETSKLLVEVCGEEWKEVRYACCTKDQ
VVALRDNLQKAQPLISSCPACLKNFNNLFCHFTCAADQGRFVNITKVEKSKEDKDIVAELDVFMNSSWASEFYDSCKNIK
FSATNGYAMDLIGGGAKNYSQFLKFLGDAKPMLGGSPFQINYKYDLANEEKEWQEFNDEVYACDDAQYKCACSDCQESCP
HLKPLKDGVCKVGPLPCFSLSVLIFYTICALFAFMWYYLCKRKKNGAMIVDDDIVPESGSLDESETNVFESFNNETNFFN
GKLANLFTKVGQFSVENPYKILITTVFSIFVFSFIIFQYATLETDPINLWVSKNSEKFKEKEYFDDNFGPFYRTEQIFVV
NETGPVLSYETLHWWFDVENFITEELQSSENIGYQDLCFRPTEDSTCVIESFTQYFQGALPNKDSWKRELQECGKFPVNC
LPTFQQPLKTNLLFSDDDILNAHAFVVTLLLTNHTQSANRWEERLEEYLLDLKVPEGLRISFNTEISLEKELNNNNDIST
VAISYLMMFLYATWALRRKDGKTRLLLGISGLLIVLASIVCAAGFLTLFGLKSTLIIAEVIPFLILAIGIDNIFLITHEY
DRNCEQKPEYSIDQKIISAIGRMSPSILMSLLCQTGCFLIAAFVTMPAVHNFAIYSTVSVIFNGVLQLTAYVSILSLYEK
RSNYKQITGNEETKESFLKTFYFKMLTQKRLIIIIFSAWFFTSLVFLPEIQFGLDQTLAVPQDSYLVDYFKDVYSFLNVG
PPVYMVVKNLDLTKRQNQQKICGKFTTCERDSLANVLEQERHRSTITEPLANWLDDYFMFLNPQNDQCCRLKKGTDEVCP
PSFPSRRCETCFQQGSWNYNMSGFPEGKDFMEYLSIWINAPSDPCPLGGRAPYSTALVYNETSVSASVFRTAHHPLRSQK
DFIQAYSDGVRISSSFPELDMFAYSPFYIFFVQYQTLGPLTLKLIGSAIILIFFISSVFLQNIRSSFLLALVVTMIIVDI
GALMALLGISLNAVSLVNLIICVGLGVEFCVHIVRSFTVVPSETKKDANSRVLYSLNTIGESVIKGITLTKFIGVCVLAF
AQSKIFDVFYFRMWFTLIIVAALHALLFLPALLSLFGGESYRDDSIEAED
;
_entity_poly.pdbx_strand_id   A
#
# COMPACT_ATOMS: atom_id res chain seq x y z
N ALA A 21 -19.81 -65.09 -18.06
CA ALA A 21 -19.29 -64.82 -16.72
C ALA A 21 -20.43 -64.79 -15.70
N THR A 22 -20.06 -64.61 -14.43
CA THR A 22 -21.05 -64.57 -13.36
C THR A 22 -21.74 -63.23 -13.36
N CYS A 23 -23.03 -63.21 -13.70
CA CYS A 23 -23.82 -61.99 -13.77
C CYS A 23 -24.88 -62.01 -12.69
N ALA A 24 -24.90 -60.96 -11.86
CA ALA A 24 -25.92 -60.80 -10.84
C ALA A 24 -27.09 -59.96 -11.31
N MET A 25 -27.10 -59.54 -12.58
CA MET A 25 -28.19 -58.75 -13.12
C MET A 25 -28.10 -58.78 -14.63
N TYR A 26 -29.20 -59.13 -15.29
CA TYR A 26 -29.22 -59.23 -16.75
C TYR A 26 -30.65 -59.02 -17.24
N GLY A 27 -30.84 -57.99 -18.07
CA GLY A 27 -32.14 -57.74 -18.66
C GLY A 27 -33.07 -56.95 -17.76
N ASN A 28 -34.22 -56.61 -18.32
CA ASN A 28 -35.28 -55.90 -17.62
C ASN A 28 -36.58 -56.69 -17.72
N CYS A 29 -37.43 -56.53 -16.72
CA CYS A 29 -38.69 -57.26 -16.62
C CYS A 29 -39.83 -56.32 -16.27
N GLY A 30 -39.89 -55.19 -16.97
CA GLY A 30 -41.00 -54.26 -16.81
C GLY A 30 -40.82 -53.29 -15.66
N LYS A 31 -41.77 -52.37 -15.57
CA LYS A 31 -41.75 -51.34 -14.55
C LYS A 31 -42.38 -51.82 -13.26
N LYS A 32 -41.86 -51.33 -12.14
CA LYS A 32 -42.41 -51.69 -10.84
C LYS A 32 -43.85 -51.21 -10.70
N SER A 33 -44.14 -49.99 -11.12
CA SER A 33 -45.46 -49.39 -10.96
C SER A 33 -45.76 -48.51 -12.17
N VAL A 34 -46.97 -47.95 -12.20
CA VAL A 34 -47.38 -47.12 -13.32
C VAL A 34 -46.46 -45.92 -13.44
N PHE A 35 -46.22 -45.50 -14.69
CA PHE A 35 -45.36 -44.34 -14.97
C PHE A 35 -43.98 -44.52 -14.33
N GLY A 36 -43.47 -45.75 -14.38
CA GLY A 36 -42.15 -46.06 -13.83
C GLY A 36 -41.28 -46.67 -14.90
N ASN A 37 -39.99 -46.35 -14.82
CA ASN A 37 -39.02 -46.92 -15.75
C ASN A 37 -38.84 -48.41 -15.48
N GLU A 38 -38.62 -49.17 -16.55
CA GLU A 38 -38.44 -50.60 -16.42
C GLU A 38 -37.25 -50.91 -15.52
N LEU A 39 -37.43 -51.85 -14.59
CA LEU A 39 -36.37 -52.20 -13.66
C LEU A 39 -35.57 -53.40 -14.16
N PRO A 40 -34.31 -53.53 -13.74
CA PRO A 40 -33.53 -54.70 -14.14
C PRO A 40 -34.14 -55.99 -13.61
N CYS A 41 -33.95 -57.08 -14.36
CA CYS A 41 -34.51 -58.38 -14.00
C CYS A 41 -33.43 -59.21 -13.33
N PRO A 42 -33.54 -59.53 -12.04
CA PRO A 42 -32.49 -60.31 -11.38
C PRO A 42 -32.29 -61.66 -12.05
N VAL A 43 -31.03 -62.10 -12.07
CA VAL A 43 -30.67 -63.41 -12.62
C VAL A 43 -29.63 -64.06 -11.73
N PRO A 44 -29.57 -65.39 -11.73
CA PRO A 44 -28.58 -66.09 -10.92
C PRO A 44 -27.17 -65.91 -11.48
N ARG A 45 -26.19 -66.06 -10.58
CA ARG A 45 -24.80 -65.95 -10.99
C ARG A 45 -24.43 -67.03 -12.00
N SER A 46 -24.91 -68.26 -11.77
CA SER A 46 -24.58 -69.35 -12.67
C SER A 46 -25.09 -69.10 -14.08
N PHE A 47 -26.22 -68.41 -14.22
CA PHE A 47 -26.78 -68.14 -15.54
C PHE A 47 -25.78 -67.40 -16.40
N GLU A 48 -25.60 -67.87 -17.63
CA GLU A 48 -24.65 -67.28 -18.57
C GLU A 48 -25.41 -66.52 -19.64
N PRO A 49 -25.33 -65.18 -19.69
CA PRO A 49 -26.05 -64.46 -20.73
C PRO A 49 -25.43 -64.70 -22.09
N PRO A 50 -26.20 -64.56 -23.17
CA PRO A 50 -25.63 -64.74 -24.50
C PRO A 50 -24.55 -63.72 -24.79
N VAL A 51 -23.57 -64.12 -25.60
CA VAL A 51 -22.47 -63.24 -25.98
C VAL A 51 -23.02 -61.95 -26.56
N LEU A 52 -22.33 -60.84 -26.33
CA LEU A 52 -22.79 -59.55 -26.82
C LEU A 52 -22.96 -59.59 -28.33
N SER A 53 -24.10 -59.10 -28.81
CA SER A 53 -24.33 -59.00 -30.23
C SER A 53 -23.62 -57.79 -30.81
N ASP A 54 -23.51 -57.75 -32.13
CA ASP A 54 -22.84 -56.63 -32.79
C ASP A 54 -23.57 -55.32 -32.51
N GLU A 55 -24.91 -55.34 -32.58
CA GLU A 55 -25.67 -54.12 -32.36
C GLU A 55 -25.48 -53.60 -30.93
N THR A 56 -25.58 -54.50 -29.94
CA THR A 56 -25.43 -54.07 -28.56
C THR A 56 -24.01 -53.56 -28.28
N SER A 57 -23.00 -54.28 -28.77
CA SER A 57 -21.62 -53.90 -28.49
C SER A 57 -21.29 -52.51 -29.03
N LYS A 58 -21.88 -52.13 -30.16
CA LYS A 58 -21.60 -50.82 -30.73
C LYS A 58 -21.98 -49.71 -29.78
N LEU A 59 -23.17 -49.80 -29.18
CA LEU A 59 -23.60 -48.76 -28.24
C LEU A 59 -22.72 -48.71 -27.00
N LEU A 60 -22.35 -49.89 -26.47
CA LEU A 60 -21.59 -49.92 -25.23
C LEU A 60 -20.25 -49.20 -25.38
N VAL A 61 -19.54 -49.44 -26.48
CA VAL A 61 -18.21 -48.86 -26.63
C VAL A 61 -18.30 -47.33 -26.69
N GLU A 62 -19.27 -46.80 -27.44
CA GLU A 62 -19.34 -45.36 -27.61
C GLU A 62 -19.88 -44.66 -26.36
N VAL A 63 -20.88 -45.25 -25.71
CA VAL A 63 -21.48 -44.60 -24.53
C VAL A 63 -20.50 -44.61 -23.37
N CYS A 64 -19.82 -45.73 -23.14
CA CYS A 64 -18.93 -45.89 -22.01
C CYS A 64 -17.47 -45.62 -22.36
N GLY A 65 -16.93 -46.34 -23.33
CA GLY A 65 -15.56 -46.12 -23.75
C GLY A 65 -15.03 -47.33 -24.49
N GLU A 66 -13.76 -47.22 -24.90
CA GLU A 66 -13.12 -48.28 -25.66
C GLU A 66 -12.84 -49.52 -24.83
N GLU A 67 -12.85 -49.41 -23.50
CA GLU A 67 -12.52 -50.56 -22.66
C GLU A 67 -13.51 -51.71 -22.82
N TRP A 68 -14.72 -51.42 -23.30
CA TRP A 68 -15.75 -52.44 -23.49
C TRP A 68 -15.63 -53.14 -24.83
N LYS A 69 -14.57 -52.87 -25.59
CA LYS A 69 -14.41 -53.50 -26.90
C LYS A 69 -14.27 -55.01 -26.78
N GLU A 70 -13.47 -55.48 -25.83
CA GLU A 70 -13.15 -56.90 -25.73
C GLU A 70 -14.13 -57.69 -24.86
N VAL A 71 -15.02 -57.01 -24.13
CA VAL A 71 -15.94 -57.72 -23.25
C VAL A 71 -16.89 -58.58 -24.08
N ARG A 72 -17.11 -59.82 -23.62
CA ARG A 72 -17.98 -60.77 -24.31
C ARG A 72 -19.22 -61.10 -23.49
N TYR A 73 -19.05 -61.55 -22.25
CA TYR A 73 -20.18 -61.93 -21.40
C TYR A 73 -20.60 -60.75 -20.51
N ALA A 74 -20.95 -59.65 -21.18
CA ALA A 74 -21.41 -58.48 -20.46
C ALA A 74 -22.82 -58.70 -19.92
N CYS A 75 -23.08 -58.21 -18.71
CA CYS A 75 -24.37 -58.38 -18.05
C CYS A 75 -25.24 -57.14 -18.32
N CYS A 76 -25.61 -56.98 -19.59
CA CYS A 76 -26.44 -55.87 -20.00
C CYS A 76 -27.22 -56.27 -21.25
N THR A 77 -28.31 -55.55 -21.50
CA THR A 77 -29.13 -55.75 -22.69
C THR A 77 -29.26 -54.43 -23.43
N LYS A 78 -29.87 -54.50 -24.62
CA LYS A 78 -30.01 -53.31 -25.45
C LYS A 78 -30.82 -52.24 -24.73
N ASP A 79 -31.92 -52.63 -24.08
CA ASP A 79 -32.74 -51.65 -23.38
C ASP A 79 -32.10 -51.19 -22.09
N GLN A 80 -31.26 -52.03 -21.47
CA GLN A 80 -30.64 -51.66 -20.21
C GLN A 80 -29.60 -50.56 -20.41
N VAL A 81 -28.72 -50.72 -21.39
CA VAL A 81 -27.65 -49.76 -21.59
C VAL A 81 -28.20 -48.40 -21.99
N VAL A 82 -29.18 -48.39 -22.90
CA VAL A 82 -29.74 -47.11 -23.36
C VAL A 82 -30.36 -46.35 -22.20
N ALA A 83 -30.99 -47.07 -21.26
CA ALA A 83 -31.57 -46.42 -20.10
C ALA A 83 -30.50 -45.68 -19.30
N LEU A 84 -29.36 -46.32 -19.08
CA LEU A 84 -28.25 -45.64 -18.41
C LEU A 84 -27.76 -44.45 -19.22
N ARG A 85 -27.69 -44.61 -20.54
CA ARG A 85 -27.21 -43.52 -21.38
C ARG A 85 -28.11 -42.30 -21.27
N ASP A 86 -29.42 -42.51 -21.21
CA ASP A 86 -30.34 -41.38 -21.12
C ASP A 86 -30.10 -40.58 -19.85
N ASN A 87 -29.82 -41.26 -18.73
CA ASN A 87 -29.63 -40.57 -17.46
C ASN A 87 -28.25 -39.98 -17.31
N LEU A 88 -27.25 -40.47 -18.05
CA LEU A 88 -25.90 -39.93 -17.92
C LEU A 88 -25.86 -38.47 -18.34
N GLN A 89 -26.56 -38.11 -19.42
CA GLN A 89 -26.57 -36.72 -19.87
C GLN A 89 -27.23 -35.78 -18.88
N LYS A 90 -27.96 -36.30 -17.89
CA LYS A 90 -28.52 -35.44 -16.86
C LYS A 90 -27.42 -34.79 -16.03
N ALA A 91 -26.34 -35.54 -15.77
CA ALA A 91 -25.24 -35.06 -14.95
C ALA A 91 -23.97 -34.77 -15.74
N GLN A 92 -23.80 -35.35 -16.92
CA GLN A 92 -22.58 -35.15 -17.68
C GLN A 92 -22.27 -33.69 -17.91
N PRO A 93 -23.22 -32.83 -18.30
CA PRO A 93 -22.88 -31.42 -18.47
C PRO A 93 -22.45 -30.72 -17.19
N LEU A 94 -22.81 -31.26 -16.02
CA LEU A 94 -22.50 -30.61 -14.76
C LEU A 94 -21.11 -30.96 -14.23
N ILE A 95 -20.45 -31.97 -14.80
CA ILE A 95 -19.12 -32.35 -14.34
C ILE A 95 -18.18 -32.50 -15.54
N SER A 96 -18.62 -32.02 -16.70
CA SER A 96 -17.77 -32.11 -17.88
C SER A 96 -16.51 -31.27 -17.77
N SER A 97 -16.46 -30.32 -16.82
CA SER A 97 -15.29 -29.46 -16.70
C SER A 97 -14.05 -30.27 -16.38
N CYS A 98 -14.17 -31.28 -15.51
CA CYS A 98 -13.03 -32.09 -15.12
C CYS A 98 -13.08 -33.41 -15.86
N PRO A 99 -12.22 -33.65 -16.85
CA PRO A 99 -12.25 -34.94 -17.54
C PRO A 99 -12.07 -36.12 -16.62
N ALA A 100 -11.22 -35.98 -15.59
CA ALA A 100 -11.01 -37.08 -14.66
C ALA A 100 -12.31 -37.46 -13.96
N CYS A 101 -13.07 -36.46 -13.52
CA CYS A 101 -14.35 -36.75 -12.87
C CYS A 101 -15.31 -37.44 -13.82
N LEU A 102 -15.36 -36.97 -15.08
CA LEU A 102 -16.29 -37.56 -16.03
C LEU A 102 -15.98 -39.03 -16.26
N LYS A 103 -14.70 -39.38 -16.39
CA LYS A 103 -14.33 -40.77 -16.62
C LYS A 103 -14.78 -41.66 -15.47
N ASN A 104 -14.59 -41.20 -14.24
CA ASN A 104 -14.96 -42.02 -13.08
C ASN A 104 -16.46 -42.29 -13.06
N PHE A 105 -17.28 -41.28 -13.35
CA PHE A 105 -18.72 -41.49 -13.37
C PHE A 105 -19.10 -42.58 -14.36
N ASN A 106 -18.55 -42.52 -15.57
CA ASN A 106 -18.90 -43.52 -16.59
C ASN A 106 -18.48 -44.92 -16.15
N ASN A 107 -17.26 -45.06 -15.66
CA ASN A 107 -16.78 -46.38 -15.26
C ASN A 107 -17.61 -46.95 -14.11
N LEU A 108 -17.94 -46.12 -13.12
CA LEU A 108 -18.73 -46.60 -11.98
C LEU A 108 -20.07 -47.14 -12.46
N PHE A 109 -20.78 -46.37 -13.28
CA PHE A 109 -22.11 -46.79 -13.72
C PHE A 109 -22.03 -47.89 -14.75
N CYS A 110 -21.10 -47.79 -15.71
CA CYS A 110 -20.98 -48.82 -16.73
C CYS A 110 -20.62 -50.16 -16.13
N HIS A 111 -19.68 -50.19 -15.18
CA HIS A 111 -19.35 -51.44 -14.51
C HIS A 111 -20.45 -51.85 -13.53
N PHE A 112 -21.24 -50.90 -13.04
CA PHE A 112 -22.32 -51.23 -12.12
C PHE A 112 -23.40 -52.07 -12.80
N THR A 113 -23.51 -52.00 -14.13
CA THR A 113 -24.52 -52.74 -14.87
C THR A 113 -23.90 -53.83 -15.75
N CYS A 114 -22.97 -53.48 -16.63
CA CYS A 114 -22.49 -54.36 -17.67
C CYS A 114 -21.20 -55.09 -17.32
N ALA A 115 -20.69 -54.93 -16.10
CA ALA A 115 -19.48 -55.64 -15.72
C ALA A 115 -19.70 -57.14 -15.84
N ALA A 116 -18.74 -57.81 -16.50
CA ALA A 116 -18.89 -59.24 -16.74
C ALA A 116 -18.97 -60.02 -15.42
N ASP A 117 -18.07 -59.73 -14.50
CA ASP A 117 -18.07 -60.38 -13.19
C ASP A 117 -18.84 -59.52 -12.18
N GLN A 118 -20.09 -59.25 -12.52
CA GLN A 118 -20.92 -58.41 -11.64
C GLN A 118 -21.17 -59.08 -10.31
N GLY A 119 -21.43 -60.40 -10.31
CA GLY A 119 -21.76 -61.09 -9.08
C GLY A 119 -20.65 -61.10 -8.06
N ARG A 120 -19.42 -60.81 -8.48
CA ARG A 120 -18.30 -60.82 -7.54
C ARG A 120 -18.50 -59.77 -6.45
N PHE A 121 -18.99 -58.59 -6.83
CA PHE A 121 -19.09 -57.46 -5.90
C PHE A 121 -20.50 -56.89 -5.80
N VAL A 122 -21.48 -57.53 -6.43
CA VAL A 122 -22.85 -57.02 -6.46
C VAL A 122 -23.77 -58.04 -5.80
N ASN A 123 -24.61 -57.57 -4.89
CA ASN A 123 -25.59 -58.41 -4.21
C ASN A 123 -26.94 -57.71 -4.21
N ILE A 124 -28.00 -58.52 -4.24
CA ILE A 124 -29.38 -58.04 -4.29
C ILE A 124 -29.97 -58.29 -2.91
N THR A 125 -30.00 -57.24 -2.08
CA THR A 125 -30.49 -57.39 -0.71
C THR A 125 -31.96 -57.80 -0.69
N LYS A 126 -32.78 -57.19 -1.55
CA LYS A 126 -34.21 -57.44 -1.57
C LYS A 126 -34.72 -57.37 -3.00
N VAL A 127 -35.87 -58.00 -3.22
CA VAL A 127 -36.53 -58.01 -4.52
C VAL A 127 -38.00 -57.69 -4.32
N GLU A 128 -38.66 -57.36 -5.42
CA GLU A 128 -40.08 -57.01 -5.40
C GLU A 128 -40.74 -57.52 -6.68
N LYS A 129 -42.06 -57.58 -6.65
CA LYS A 129 -42.86 -58.03 -7.79
C LYS A 129 -43.30 -56.82 -8.60
N SER A 130 -42.97 -56.83 -9.89
CA SER A 130 -43.33 -55.72 -10.76
C SER A 130 -44.78 -55.85 -11.20
N LYS A 131 -45.24 -54.85 -11.97
CA LYS A 131 -46.60 -54.90 -12.49
C LYS A 131 -46.82 -56.09 -13.42
N GLU A 132 -45.77 -56.53 -14.10
CA GLU A 132 -45.85 -57.66 -15.01
C GLU A 132 -45.74 -59.01 -14.30
N ASP A 133 -45.90 -59.04 -12.99
CA ASP A 133 -45.77 -60.27 -12.21
C ASP A 133 -44.39 -60.88 -12.39
N LYS A 134 -43.38 -60.03 -12.50
CA LYS A 134 -41.99 -60.45 -12.63
C LYS A 134 -41.18 -59.90 -11.48
N ASP A 135 -40.34 -60.74 -10.89
CA ASP A 135 -39.50 -60.30 -9.79
C ASP A 135 -38.52 -59.23 -10.27
N ILE A 136 -38.41 -58.16 -9.49
CA ILE A 136 -37.54 -57.04 -9.82
C ILE A 136 -36.77 -56.66 -8.56
N VAL A 137 -35.48 -56.33 -8.74
CA VAL A 137 -34.65 -55.96 -7.60
C VAL A 137 -35.20 -54.70 -6.95
N ALA A 138 -35.32 -54.75 -5.63
CA ALA A 138 -35.77 -53.61 -4.83
C ALA A 138 -34.66 -52.97 -4.02
N GLU A 139 -33.76 -53.77 -3.45
CA GLU A 139 -32.59 -53.28 -2.73
C GLU A 139 -31.35 -53.90 -3.33
N LEU A 140 -30.36 -53.07 -3.64
CA LEU A 140 -29.12 -53.51 -4.26
C LEU A 140 -27.94 -53.15 -3.38
N ASP A 141 -27.02 -54.10 -3.22
CA ASP A 141 -25.79 -53.89 -2.45
C ASP A 141 -24.59 -54.17 -3.34
N VAL A 142 -23.56 -53.33 -3.22
CA VAL A 142 -22.33 -53.45 -3.97
C VAL A 142 -21.15 -53.44 -3.01
N PHE A 143 -20.15 -54.27 -3.29
CA PHE A 143 -19.00 -54.45 -2.42
C PHE A 143 -17.79 -53.76 -3.02
N MET A 144 -17.21 -52.82 -2.28
CA MET A 144 -15.96 -52.18 -2.67
C MET A 144 -15.18 -51.89 -1.39
N ASN A 145 -14.17 -51.03 -1.52
CA ASN A 145 -13.40 -50.52 -0.39
C ASN A 145 -13.25 -49.02 -0.55
N SER A 146 -12.78 -48.37 0.53
CA SER A 146 -12.64 -46.93 0.53
C SER A 146 -11.32 -46.50 -0.12
N SER A 147 -11.00 -47.08 -1.27
CA SER A 147 -9.87 -46.64 -2.08
C SER A 147 -10.32 -46.13 -3.43
N TRP A 148 -11.16 -46.88 -4.14
CA TRP A 148 -11.75 -46.38 -5.37
C TRP A 148 -12.71 -45.24 -5.08
N ALA A 149 -13.58 -45.41 -4.08
CA ALA A 149 -14.50 -44.34 -3.71
C ALA A 149 -13.75 -43.12 -3.19
N SER A 150 -12.74 -43.33 -2.35
CA SER A 150 -12.02 -42.20 -1.77
C SER A 150 -11.36 -41.37 -2.87
N GLU A 151 -10.68 -42.03 -3.81
CA GLU A 151 -10.06 -41.30 -4.91
C GLU A 151 -11.11 -40.65 -5.79
N PHE A 152 -12.21 -41.35 -6.06
CA PHE A 152 -13.25 -40.79 -6.91
C PHE A 152 -13.82 -39.51 -6.32
N TYR A 153 -14.07 -39.51 -5.00
CA TYR A 153 -14.55 -38.29 -4.36
C TYR A 153 -13.53 -37.17 -4.47
N ASP A 154 -12.24 -37.51 -4.32
CA ASP A 154 -11.21 -36.48 -4.38
C ASP A 154 -11.19 -35.80 -5.75
N SER A 155 -11.36 -36.58 -6.82
CA SER A 155 -11.30 -36.02 -8.17
C SER A 155 -12.37 -34.95 -8.36
N CYS A 156 -13.59 -35.22 -7.90
CA CYS A 156 -14.70 -34.29 -8.04
C CYS A 156 -14.94 -33.48 -6.78
N LYS A 157 -14.04 -33.53 -5.81
CA LYS A 157 -14.25 -32.79 -4.56
C LYS A 157 -14.30 -31.29 -4.81
N ASN A 158 -13.37 -30.77 -5.63
CA ASN A 158 -13.20 -29.34 -5.80
C ASN A 158 -13.84 -28.80 -7.07
N ILE A 159 -14.58 -29.64 -7.80
CA ILE A 159 -15.21 -29.18 -9.03
C ILE A 159 -16.15 -28.02 -8.71
N LYS A 160 -16.09 -26.97 -9.54
CA LYS A 160 -16.83 -25.74 -9.30
C LYS A 160 -17.90 -25.55 -10.36
N PHE A 161 -19.09 -25.18 -9.93
CA PHE A 161 -20.20 -24.87 -10.83
C PHE A 161 -20.09 -23.39 -11.20
N SER A 162 -19.55 -23.11 -12.38
CA SER A 162 -19.24 -21.73 -12.75
C SER A 162 -20.50 -20.87 -12.81
N ALA A 163 -21.59 -21.41 -13.38
CA ALA A 163 -22.78 -20.60 -13.58
C ALA A 163 -23.31 -20.03 -12.28
N THR A 164 -23.36 -20.85 -11.24
CA THR A 164 -23.81 -20.39 -9.92
C THR A 164 -22.67 -19.92 -9.05
N ASN A 165 -21.43 -19.98 -9.52
CA ASN A 165 -20.25 -19.59 -8.75
C ASN A 165 -20.12 -20.40 -7.47
N GLY A 166 -20.74 -21.59 -7.42
CA GLY A 166 -20.67 -22.45 -6.27
C GLY A 166 -20.25 -23.85 -6.66
N TYR A 167 -19.91 -24.65 -5.66
CA TYR A 167 -19.44 -26.00 -5.90
C TYR A 167 -20.58 -26.86 -6.45
N ALA A 168 -20.28 -27.64 -7.49
CA ALA A 168 -21.24 -28.60 -8.00
C ALA A 168 -21.50 -29.74 -7.02
N MET A 169 -20.64 -29.90 -6.01
CA MET A 169 -20.91 -30.88 -4.96
C MET A 169 -22.23 -30.59 -4.27
N ASP A 170 -22.66 -29.32 -4.26
CA ASP A 170 -23.91 -28.96 -3.61
C ASP A 170 -25.10 -29.65 -4.28
N LEU A 171 -25.09 -29.71 -5.61
CA LEU A 171 -26.23 -30.25 -6.35
C LEU A 171 -26.11 -31.77 -6.50
N ILE A 172 -24.99 -32.24 -7.05
CA ILE A 172 -24.87 -33.66 -7.37
C ILE A 172 -24.75 -34.48 -6.08
N GLY A 173 -23.96 -34.01 -5.12
CA GLY A 173 -23.75 -34.73 -3.88
C GLY A 173 -24.40 -34.11 -2.66
N GLY A 174 -25.25 -33.11 -2.82
CA GLY A 174 -25.87 -32.48 -1.67
C GLY A 174 -24.87 -31.85 -0.72
N GLY A 175 -23.80 -31.28 -1.27
CA GLY A 175 -22.78 -30.67 -0.44
C GLY A 175 -22.07 -31.65 0.47
N ALA A 176 -21.81 -32.86 -0.04
CA ALA A 176 -21.13 -33.88 0.77
C ALA A 176 -19.69 -33.45 1.06
N LYS A 177 -19.27 -33.65 2.31
CA LYS A 177 -17.91 -33.33 2.72
C LYS A 177 -17.00 -34.54 2.76
N ASN A 178 -17.57 -35.75 2.74
CA ASN A 178 -16.81 -36.99 2.86
C ASN A 178 -17.35 -37.97 1.82
N TYR A 179 -16.50 -38.92 1.42
CA TYR A 179 -16.87 -39.83 0.33
C TYR A 179 -18.17 -40.56 0.66
N SER A 180 -18.34 -40.99 1.91
CA SER A 180 -19.56 -41.70 2.28
C SER A 180 -20.78 -40.83 2.01
N GLN A 181 -20.73 -39.55 2.39
CA GLN A 181 -21.86 -38.66 2.17
C GLN A 181 -22.13 -38.51 0.67
N PHE A 182 -21.08 -38.34 -0.13
CA PHE A 182 -21.26 -38.14 -1.56
C PHE A 182 -21.88 -39.38 -2.21
N LEU A 183 -21.28 -40.55 -1.99
CA LEU A 183 -21.80 -41.78 -2.58
C LEU A 183 -23.16 -42.16 -2.00
N LYS A 184 -23.48 -41.70 -0.79
CA LYS A 184 -24.80 -41.99 -0.24
C LYS A 184 -25.90 -41.39 -1.10
N PHE A 185 -25.70 -40.15 -1.56
CA PHE A 185 -26.69 -39.54 -2.44
C PHE A 185 -26.83 -40.33 -3.74
N LEU A 186 -25.70 -40.77 -4.30
CA LEU A 186 -25.76 -41.51 -5.55
C LEU A 186 -26.54 -42.81 -5.38
N GLY A 187 -26.34 -43.51 -4.27
CA GLY A 187 -27.05 -44.75 -4.02
C GLY A 187 -28.46 -44.60 -3.49
N ASP A 188 -28.89 -43.37 -3.22
CA ASP A 188 -30.25 -43.15 -2.74
C ASP A 188 -31.24 -43.29 -3.89
N ALA A 189 -32.42 -43.82 -3.56
CA ALA A 189 -33.47 -44.06 -4.56
C ALA A 189 -34.31 -42.80 -4.70
N LYS A 190 -34.18 -42.12 -5.84
CA LYS A 190 -34.99 -40.94 -6.15
C LYS A 190 -35.53 -41.07 -7.57
N PRO A 191 -36.39 -42.06 -7.81
CA PRO A 191 -36.96 -42.19 -9.17
C PRO A 191 -37.74 -40.96 -9.60
N MET A 192 -38.44 -40.30 -8.68
CA MET A 192 -39.19 -39.10 -9.03
C MET A 192 -38.26 -37.95 -9.43
N LEU A 193 -37.10 -37.86 -8.78
CA LEU A 193 -36.12 -36.82 -9.07
C LEU A 193 -35.14 -37.25 -10.15
N GLY A 194 -35.32 -38.42 -10.76
CA GLY A 194 -34.37 -38.95 -11.71
C GLY A 194 -33.27 -39.78 -11.08
N GLY A 195 -33.29 -39.98 -9.77
CA GLY A 195 -32.31 -40.79 -9.11
C GLY A 195 -32.42 -42.26 -9.48
N SER A 196 -31.68 -43.08 -8.74
CA SER A 196 -31.72 -44.51 -8.97
C SER A 196 -33.14 -45.02 -8.72
N PRO A 197 -33.70 -45.83 -9.63
CA PRO A 197 -35.07 -46.32 -9.40
C PRO A 197 -35.22 -47.12 -8.12
N PHE A 198 -34.18 -47.86 -7.72
CA PHE A 198 -34.20 -48.66 -6.51
C PHE A 198 -33.02 -48.27 -5.63
N GLN A 199 -33.17 -48.50 -4.33
CA GLN A 199 -32.14 -48.13 -3.38
C GLN A 199 -30.87 -48.93 -3.64
N ILE A 200 -29.73 -48.26 -3.53
CA ILE A 200 -28.42 -48.87 -3.69
C ILE A 200 -27.58 -48.54 -2.47
N ASN A 201 -26.93 -49.55 -1.90
CA ASN A 201 -26.10 -49.39 -0.72
C ASN A 201 -24.68 -49.85 -1.03
N TYR A 202 -23.72 -49.18 -0.41
CA TYR A 202 -22.30 -49.44 -0.64
C TYR A 202 -21.72 -50.17 0.57
N LYS A 203 -21.04 -51.28 0.31
CA LYS A 203 -20.44 -52.11 1.35
C LYS A 203 -18.93 -51.95 1.26
N TYR A 204 -18.39 -51.00 2.04
CA TYR A 204 -16.95 -50.79 2.07
C TYR A 204 -16.23 -51.98 2.69
N ASP A 205 -16.81 -52.56 3.74
CA ASP A 205 -16.22 -53.71 4.41
C ASP A 205 -16.53 -54.99 3.66
N LEU A 206 -15.50 -55.76 3.35
CA LEU A 206 -15.66 -57.03 2.63
C LEU A 206 -14.50 -57.94 3.02
N ALA A 207 -14.77 -58.90 3.91
CA ALA A 207 -13.75 -59.85 4.33
C ALA A 207 -13.66 -61.03 3.37
N ASN A 208 -14.79 -61.69 3.10
CA ASN A 208 -14.88 -62.81 2.16
C ASN A 208 -13.69 -63.75 2.31
N GLU A 209 -13.55 -64.30 3.53
CA GLU A 209 -12.48 -65.26 3.78
C GLU A 209 -12.60 -66.49 2.89
N GLU A 210 -13.82 -66.79 2.43
CA GLU A 210 -14.07 -67.91 1.55
C GLU A 210 -13.86 -67.59 0.08
N LYS A 211 -13.49 -66.35 -0.24
CA LYS A 211 -13.25 -65.93 -1.62
C LYS A 211 -14.48 -66.19 -2.51
N GLU A 212 -15.66 -65.89 -1.96
CA GLU A 212 -16.90 -66.02 -2.72
C GLU A 212 -17.23 -64.74 -3.47
N TRP A 213 -17.24 -63.61 -2.78
CA TRP A 213 -17.50 -62.31 -3.40
C TRP A 213 -16.22 -61.49 -3.36
N GLN A 214 -15.79 -61.02 -4.53
CA GLN A 214 -14.58 -60.23 -4.65
C GLN A 214 -14.92 -58.73 -4.67
N GLU A 215 -13.96 -57.93 -4.21
CA GLU A 215 -14.18 -56.50 -4.07
C GLU A 215 -14.22 -55.82 -5.43
N PHE A 216 -14.82 -54.64 -5.45
CA PHE A 216 -14.93 -53.84 -6.66
C PHE A 216 -13.71 -52.93 -6.80
N ASN A 217 -13.11 -52.93 -7.98
CA ASN A 217 -11.92 -52.14 -8.24
C ASN A 217 -11.82 -51.84 -9.73
N ASP A 218 -11.12 -50.76 -10.06
CA ASP A 218 -10.87 -50.39 -11.45
C ASP A 218 -9.84 -49.27 -11.45
N GLU A 219 -9.56 -48.71 -12.63
CA GLU A 219 -8.55 -47.67 -12.78
C GLU A 219 -9.18 -46.32 -12.45
N VAL A 220 -8.61 -45.64 -11.46
CA VAL A 220 -9.06 -44.31 -11.07
C VAL A 220 -8.15 -43.27 -11.72
N TYR A 221 -8.68 -42.07 -11.92
CA TYR A 221 -7.93 -40.98 -12.51
C TYR A 221 -8.16 -39.74 -11.65
N ALA A 222 -7.07 -39.22 -11.07
CA ALA A 222 -7.17 -38.00 -10.29
C ALA A 222 -7.13 -36.78 -11.21
N CYS A 223 -7.36 -35.61 -10.63
CA CYS A 223 -7.35 -34.38 -11.42
C CYS A 223 -5.99 -34.13 -12.04
N ASP A 224 -4.92 -34.37 -11.28
CA ASP A 224 -3.57 -34.16 -11.80
C ASP A 224 -3.16 -35.17 -12.86
N ASP A 225 -3.96 -36.21 -13.08
CA ASP A 225 -3.60 -37.23 -14.06
C ASP A 225 -3.32 -36.57 -15.40
N ALA A 226 -2.18 -36.92 -15.99
CA ALA A 226 -1.71 -36.22 -17.18
C ALA A 226 -2.66 -36.42 -18.35
N GLN A 227 -3.14 -37.64 -18.56
CA GLN A 227 -3.98 -37.92 -19.73
C GLN A 227 -5.28 -37.14 -19.64
N TYR A 228 -5.88 -37.09 -18.46
CA TYR A 228 -7.20 -36.50 -18.24
C TYR A 228 -7.09 -35.23 -17.40
N LYS A 229 -6.13 -34.37 -17.76
CA LYS A 229 -5.81 -33.16 -17.02
C LYS A 229 -7.05 -32.38 -16.63
N CYS A 230 -6.98 -31.67 -15.51
CA CYS A 230 -8.07 -30.87 -14.99
C CYS A 230 -7.56 -29.47 -14.65
N ALA A 231 -8.45 -28.49 -14.73
CA ALA A 231 -8.10 -27.11 -14.46
C ALA A 231 -7.94 -26.88 -12.96
N CYS A 232 -7.21 -25.81 -12.61
CA CYS A 232 -6.95 -25.52 -11.20
C CYS A 232 -8.25 -25.27 -10.45
N SER A 233 -9.16 -24.49 -11.05
CA SER A 233 -10.40 -24.15 -10.35
C SER A 233 -11.17 -25.40 -9.97
N ASP A 234 -11.04 -26.48 -10.74
CA ASP A 234 -11.75 -27.72 -10.46
C ASP A 234 -10.96 -28.70 -9.61
N CYS A 235 -9.69 -28.41 -9.31
CA CYS A 235 -8.91 -29.26 -8.43
C CYS A 235 -7.62 -28.54 -8.05
N GLN A 236 -7.24 -28.65 -6.77
CA GLN A 236 -6.07 -27.95 -6.28
C GLN A 236 -4.77 -28.60 -6.74
N GLU A 237 -4.77 -29.91 -6.98
CA GLU A 237 -3.53 -30.60 -7.31
C GLU A 237 -2.93 -30.06 -8.60
N SER A 238 -3.76 -29.83 -9.62
CA SER A 238 -3.26 -29.29 -10.88
C SER A 238 -2.89 -27.82 -10.79
N CYS A 239 -3.22 -27.15 -9.69
CA CYS A 239 -2.95 -25.74 -9.54
C CYS A 239 -1.50 -25.54 -9.14
N PRO A 240 -0.92 -24.35 -9.37
CA PRO A 240 0.52 -24.18 -9.12
C PRO A 240 0.86 -24.22 -7.63
N HIS A 241 0.86 -25.42 -7.06
CA HIS A 241 1.32 -25.58 -5.69
C HIS A 241 2.79 -25.23 -5.54
N LEU A 242 3.54 -25.16 -6.63
CA LEU A 242 4.96 -24.80 -6.59
C LEU A 242 5.08 -23.29 -6.33
N LYS A 243 4.70 -22.90 -5.12
CA LYS A 243 4.81 -21.52 -4.70
C LYS A 243 6.12 -21.34 -3.94
N PRO A 244 7.07 -20.55 -4.45
CA PRO A 244 8.31 -20.36 -3.71
C PRO A 244 8.05 -19.71 -2.36
N LEU A 245 8.32 -20.44 -1.30
CA LEU A 245 8.03 -19.94 0.04
C LEU A 245 8.76 -18.63 0.28
N LYS A 246 8.04 -17.64 0.82
CA LYS A 246 8.59 -16.35 1.17
C LYS A 246 8.55 -16.18 2.68
N ASP A 247 9.69 -15.86 3.27
CA ASP A 247 9.80 -15.75 4.72
C ASP A 247 11.10 -15.02 5.04
N GLY A 248 11.44 -14.96 6.33
CA GLY A 248 12.66 -14.27 6.75
C GLY A 248 12.64 -12.80 6.40
N VAL A 249 11.52 -12.12 6.62
CA VAL A 249 11.38 -10.72 6.26
C VAL A 249 11.13 -9.82 7.47
N CYS A 250 10.89 -10.39 8.66
CA CYS A 250 10.60 -9.62 9.86
C CYS A 250 11.73 -9.69 10.88
N LYS A 251 12.07 -10.89 11.35
CA LYS A 251 13.08 -11.05 12.38
C LYS A 251 13.30 -12.54 12.63
N VAL A 252 14.30 -12.84 13.45
CA VAL A 252 14.60 -14.19 13.89
C VAL A 252 14.56 -14.21 15.41
N GLY A 253 13.81 -15.15 15.97
CA GLY A 253 13.60 -15.19 17.40
C GLY A 253 12.61 -14.14 17.85
N PRO A 254 12.50 -13.92 19.15
CA PRO A 254 11.56 -12.93 19.68
C PRO A 254 12.06 -11.49 19.58
N LEU A 255 13.18 -11.25 18.92
CA LEU A 255 13.76 -9.92 18.79
C LEU A 255 14.24 -9.72 17.37
N PRO A 256 14.41 -8.48 16.94
CA PRO A 256 14.88 -8.23 15.58
C PRO A 256 16.23 -8.89 15.34
N CYS A 257 16.43 -9.36 14.10
CA CYS A 257 17.67 -10.06 13.77
C CYS A 257 18.88 -9.16 13.98
N PHE A 258 18.77 -7.88 13.60
CA PHE A 258 19.89 -6.96 13.78
C PHE A 258 20.27 -6.84 15.24
N SER A 259 19.29 -6.72 16.13
CA SER A 259 19.58 -6.58 17.55
C SER A 259 20.36 -7.78 18.05
N LEU A 260 19.94 -8.99 17.68
CA LEU A 260 20.69 -10.18 18.08
C LEU A 260 22.11 -10.15 17.54
N SER A 261 22.26 -9.72 16.28
CA SER A 261 23.60 -9.66 15.70
C SER A 261 24.49 -8.71 16.49
N VAL A 262 23.97 -7.55 16.87
CA VAL A 262 24.77 -6.60 17.64
C VAL A 262 25.02 -7.12 19.05
N LEU A 263 23.99 -7.74 19.66
CA LEU A 263 24.16 -8.22 21.02
C LEU A 263 25.27 -9.26 21.12
N ILE A 264 25.30 -10.21 20.18
CA ILE A 264 26.38 -11.19 20.18
C ILE A 264 27.72 -10.52 19.91
N PHE A 265 27.72 -9.47 19.08
CA PHE A 265 28.96 -8.75 18.82
C PHE A 265 29.54 -8.21 20.12
N TYR A 266 28.70 -7.67 21.00
CA TYR A 266 29.20 -7.17 22.27
C TYR A 266 29.78 -8.29 23.12
N THR A 267 29.12 -9.45 23.13
CA THR A 267 29.60 -10.56 23.95
C THR A 267 31.00 -11.02 23.49
N ILE A 268 31.19 -11.17 22.18
CA ILE A 268 32.50 -11.57 21.69
C ILE A 268 33.52 -10.48 21.94
N CYS A 269 33.11 -9.21 21.83
CA CYS A 269 34.02 -8.11 22.14
C CYS A 269 34.43 -8.15 23.61
N ALA A 270 33.49 -8.47 24.49
CA ALA A 270 33.83 -8.60 25.91
C ALA A 270 34.82 -9.73 26.13
N LEU A 271 34.65 -10.85 25.43
CA LEU A 271 35.59 -11.96 25.57
C LEU A 271 36.99 -11.54 25.16
N PHE A 272 37.11 -10.79 24.07
CA PHE A 272 38.41 -10.27 23.66
C PHE A 272 38.98 -9.34 24.73
N ALA A 273 38.13 -8.49 25.31
CA ALA A 273 38.57 -7.63 26.41
C ALA A 273 38.98 -8.47 27.61
N PHE A 274 38.23 -9.53 27.90
CA PHE A 274 38.60 -10.42 29.00
C PHE A 274 39.96 -11.06 28.74
N MET A 275 40.22 -11.48 27.49
CA MET A 275 41.51 -12.07 27.16
C MET A 275 42.63 -11.06 27.38
N TRP A 276 42.45 -9.82 26.94
CA TRP A 276 43.48 -8.80 27.11
C TRP A 276 43.61 -8.36 28.56
N TYR A 277 42.64 -8.69 29.42
CA TYR A 277 42.72 -8.30 30.82
C TYR A 277 43.96 -8.91 31.48
N TYR A 278 44.20 -10.20 31.23
CA TYR A 278 45.41 -10.84 31.74
C TYR A 278 46.66 -10.23 31.11
N LEU A 279 46.61 -9.95 29.82
CA LEU A 279 47.74 -9.36 29.11
C LEU A 279 48.99 -10.23 29.26
N VAL A 308 51.28 11.70 4.70
CA VAL A 308 51.34 12.21 6.06
C VAL A 308 50.44 13.43 6.21
N PHE A 309 49.86 13.60 7.39
CA PHE A 309 49.00 14.76 7.63
C PHE A 309 49.79 16.05 7.46
N GLU A 310 51.01 16.10 8.00
CA GLU A 310 51.81 17.31 7.90
C GLU A 310 52.25 17.58 6.47
N SER A 311 52.44 16.53 5.67
CA SER A 311 52.86 16.73 4.29
C SER A 311 51.84 17.54 3.51
N PHE A 312 50.55 17.23 3.67
CA PHE A 312 49.50 17.97 3.00
C PHE A 312 49.13 19.27 3.72
N ASN A 313 49.55 19.42 4.98
CA ASN A 313 49.20 20.62 5.73
C ASN A 313 49.80 21.88 5.11
N ASN A 314 50.88 21.75 4.35
CA ASN A 314 51.49 22.92 3.72
C ASN A 314 50.49 23.64 2.81
N GLU A 315 49.87 22.90 1.90
CA GLU A 315 48.84 23.49 1.05
C GLU A 315 47.63 23.92 1.89
N THR A 316 47.24 23.09 2.86
CA THR A 316 46.06 23.40 3.67
C THR A 316 46.30 24.63 4.53
N ASN A 317 47.51 24.77 5.09
CA ASN A 317 47.80 25.94 5.90
C ASN A 317 47.69 27.21 5.08
N PHE A 318 48.21 27.20 3.86
CA PHE A 318 48.06 28.35 2.98
C PHE A 318 46.62 28.53 2.53
N PHE A 319 45.86 27.43 2.44
CA PHE A 319 44.46 27.53 2.03
C PHE A 319 43.67 28.38 3.00
N ASN A 320 43.86 28.16 4.31
CA ASN A 320 43.19 29.00 5.30
C ASN A 320 43.71 30.43 5.23
N GLY A 321 45.01 30.60 5.02
CA GLY A 321 45.55 31.95 4.91
C GLY A 321 44.90 32.75 3.81
N LYS A 322 44.76 32.15 2.62
CA LYS A 322 44.06 32.82 1.54
C LYS A 322 42.61 33.10 1.90
N LEU A 323 42.00 32.20 2.67
CA LEU A 323 40.62 32.42 3.10
C LEU A 323 40.52 33.68 3.96
N ALA A 324 41.45 33.85 4.90
CA ALA A 324 41.40 35.02 5.78
C ALA A 324 41.58 36.31 4.99
N ASN A 325 42.51 36.32 4.02
CA ASN A 325 42.73 37.51 3.23
C ASN A 325 41.47 37.93 2.50
N LEU A 326 40.80 36.98 1.85
CA LEU A 326 39.57 37.30 1.13
C LEU A 326 38.50 37.79 2.08
N PHE A 327 38.32 37.11 3.21
CA PHE A 327 37.27 37.50 4.15
C PHE A 327 37.56 38.87 4.75
N THR A 328 38.82 39.13 5.11
CA THR A 328 39.18 40.46 5.58
C THR A 328 38.92 41.50 4.50
N LYS A 329 39.11 41.13 3.24
CA LYS A 329 38.81 42.05 2.14
C LYS A 329 37.33 42.41 2.13
N VAL A 330 36.46 41.43 2.33
CA VAL A 330 35.03 41.71 2.38
C VAL A 330 34.72 42.60 3.58
N GLY A 331 35.35 42.32 4.72
CA GLY A 331 35.06 43.10 5.93
C GLY A 331 35.34 44.58 5.73
N GLN A 332 36.48 44.92 5.14
CA GLN A 332 36.82 46.33 4.96
C GLN A 332 35.83 47.02 4.03
N PHE A 333 35.43 46.35 2.95
CA PHE A 333 34.47 46.95 2.04
C PHE A 333 33.12 47.15 2.73
N SER A 334 32.66 46.15 3.46
CA SER A 334 31.34 46.22 4.07
C SER A 334 31.29 47.17 5.26
N VAL A 335 32.45 47.58 5.79
CA VAL A 335 32.50 48.49 6.93
C VAL A 335 32.80 49.89 6.44
N GLU A 336 33.59 50.00 5.37
CA GLU A 336 33.94 51.30 4.80
C GLU A 336 32.85 51.86 3.90
N ASN A 337 31.88 51.05 3.49
CA ASN A 337 30.79 51.48 2.61
C ASN A 337 29.47 51.01 3.21
N PRO A 338 29.09 51.53 4.38
CA PRO A 338 27.85 51.08 5.03
C PRO A 338 26.59 51.65 4.40
N TYR A 339 26.67 52.33 3.25
CA TYR A 339 25.52 52.89 2.58
C TYR A 339 25.28 52.28 1.21
N LYS A 340 26.32 52.14 0.40
CA LYS A 340 26.16 51.50 -0.90
C LYS A 340 25.78 50.04 -0.75
N ILE A 341 26.09 49.42 0.39
CA ILE A 341 25.74 48.02 0.63
C ILE A 341 24.40 47.90 1.34
N LEU A 342 24.14 48.76 2.33
CA LEU A 342 22.86 48.72 3.01
C LEU A 342 21.72 49.10 2.08
N ILE A 343 21.93 50.11 1.23
CA ILE A 343 20.86 50.57 0.34
C ILE A 343 20.48 49.48 -0.65
N THR A 344 21.49 48.87 -1.29
CA THR A 344 21.19 47.85 -2.30
C THR A 344 20.45 46.66 -1.69
N THR A 345 20.74 46.34 -0.42
CA THR A 345 20.00 45.27 0.23
C THR A 345 18.52 45.60 0.33
N VAL A 346 18.19 46.84 0.72
CA VAL A 346 16.80 47.24 0.81
C VAL A 346 16.14 47.21 -0.57
N PHE A 347 16.83 47.73 -1.58
CA PHE A 347 16.28 47.68 -2.93
C PHE A 347 16.14 46.23 -3.41
N SER A 348 17.11 45.39 -3.08
CA SER A 348 17.05 44.00 -3.52
C SER A 348 15.85 43.28 -2.91
N ILE A 349 15.47 43.65 -1.69
CA ILE A 349 14.28 43.05 -1.09
C ILE A 349 13.02 43.43 -1.85
N PHE A 350 12.93 44.70 -2.27
CA PHE A 350 11.76 45.14 -3.00
C PHE A 350 11.59 44.38 -4.31
N VAL A 351 12.70 44.18 -5.04
CA VAL A 351 12.62 43.47 -6.31
C VAL A 351 12.12 42.05 -6.09
N PHE A 352 12.65 41.37 -5.08
CA PHE A 352 12.20 40.01 -4.79
C PHE A 352 10.83 40.02 -4.11
N SER A 353 10.58 41.00 -3.25
CA SER A 353 9.28 41.08 -2.60
C SER A 353 8.17 41.30 -3.62
N PHE A 354 8.42 42.17 -4.60
CA PHE A 354 7.42 42.42 -5.64
C PHE A 354 7.22 41.20 -6.53
N ILE A 355 8.30 40.45 -6.79
CA ILE A 355 8.18 39.27 -7.65
C ILE A 355 7.23 38.26 -7.05
N ILE A 356 7.35 38.01 -5.75
CA ILE A 356 6.47 37.05 -5.08
C ILE A 356 5.02 37.45 -5.28
N PHE A 357 4.71 38.73 -5.04
CA PHE A 357 3.33 39.20 -5.13
C PHE A 357 2.80 39.06 -6.55
N GLN A 358 3.61 39.39 -7.54
CA GLN A 358 3.14 39.50 -8.92
C GLN A 358 3.33 38.19 -9.70
N TYR A 359 4.58 37.75 -9.86
CA TYR A 359 4.86 36.64 -10.76
C TYR A 359 4.17 35.37 -10.29
N ALA A 360 4.39 34.98 -9.04
CA ALA A 360 3.76 33.77 -8.53
C ALA A 360 3.96 33.66 -7.03
N THR A 361 2.88 33.31 -6.34
CA THR A 361 2.93 32.93 -4.92
C THR A 361 2.01 31.74 -4.69
N LEU A 362 2.05 30.78 -5.62
CA LEU A 362 1.06 29.72 -5.64
C LEU A 362 1.48 28.55 -4.73
N GLU A 363 0.64 27.51 -4.72
CA GLU A 363 0.85 26.33 -3.91
C GLU A 363 0.52 25.12 -4.78
N THR A 364 0.27 23.96 -4.16
CA THR A 364 0.08 22.73 -4.90
C THR A 364 -1.04 21.88 -4.27
N ASP A 365 -1.22 20.69 -4.81
CA ASP A 365 -2.25 19.73 -4.43
C ASP A 365 -1.62 18.38 -4.17
N PRO A 366 -2.33 17.49 -3.47
CA PRO A 366 -1.67 16.29 -2.91
C PRO A 366 -0.91 15.45 -3.93
N ILE A 367 -1.47 15.24 -5.12
CA ILE A 367 -0.78 14.38 -6.09
C ILE A 367 0.48 15.05 -6.60
N ASN A 368 0.57 16.38 -6.50
CA ASN A 368 1.72 17.12 -6.98
C ASN A 368 2.72 17.45 -5.88
N LEU A 369 2.49 16.99 -4.65
CA LEU A 369 3.42 17.28 -3.57
C LEU A 369 3.68 16.08 -2.67
N TRP A 370 3.33 14.86 -3.09
CA TRP A 370 3.74 13.68 -2.34
C TRP A 370 4.12 12.51 -3.23
N VAL A 371 4.12 12.67 -4.55
CA VAL A 371 4.56 11.61 -5.46
C VAL A 371 5.41 12.25 -6.55
N SER A 372 6.57 11.66 -6.80
CA SER A 372 7.46 12.16 -7.83
C SER A 372 6.92 11.83 -9.21
N LYS A 373 7.12 12.76 -10.15
CA LYS A 373 6.60 12.59 -11.50
C LYS A 373 7.46 11.65 -12.35
N ASN A 374 8.62 11.22 -11.85
CA ASN A 374 9.51 10.35 -12.59
C ASN A 374 9.49 8.91 -12.10
N SER A 375 8.81 8.62 -11.00
CA SER A 375 8.76 7.26 -10.49
C SER A 375 7.97 6.36 -11.42
N GLU A 376 8.24 5.06 -11.34
CA GLU A 376 7.51 4.11 -12.18
C GLU A 376 6.03 4.07 -11.82
N LYS A 377 5.72 4.14 -10.53
CA LYS A 377 4.32 4.05 -10.11
C LYS A 377 3.51 5.25 -10.60
N PHE A 378 4.16 6.31 -11.07
CA PHE A 378 3.44 7.42 -11.66
C PHE A 378 3.35 7.31 -13.17
N LYS A 379 4.43 6.86 -13.83
CA LYS A 379 4.36 6.62 -15.26
C LYS A 379 3.35 5.53 -15.58
N GLU A 380 3.09 4.62 -14.63
CA GLU A 380 2.08 3.60 -14.84
C GLU A 380 0.69 4.17 -14.65
N LYS A 381 0.52 5.11 -13.72
CA LYS A 381 -0.79 5.73 -13.54
C LYS A 381 -1.21 6.48 -14.79
N GLU A 382 -0.29 7.23 -15.40
CA GLU A 382 -0.63 7.96 -16.61
C GLU A 382 -1.06 7.01 -17.72
N TYR A 383 -0.40 5.86 -17.84
CA TYR A 383 -0.84 4.87 -18.82
C TYR A 383 -2.25 4.39 -18.51
N PHE A 384 -2.52 4.06 -17.25
CA PHE A 384 -3.85 3.58 -16.89
C PHE A 384 -4.90 4.65 -17.15
N ASP A 385 -4.61 5.90 -16.78
CA ASP A 385 -5.60 6.96 -16.95
C ASP A 385 -5.95 7.15 -18.42
N ASP A 386 -4.95 7.15 -19.29
CA ASP A 386 -5.20 7.41 -20.71
C ASP A 386 -6.10 6.32 -21.32
N ASN A 387 -5.82 5.06 -21.01
CA ASN A 387 -6.48 3.96 -21.68
C ASN A 387 -7.79 3.56 -21.00
N PHE A 388 -7.72 3.19 -19.72
CA PHE A 388 -8.88 2.71 -18.98
C PHE A 388 -9.53 3.79 -18.14
N GLY A 389 -9.26 5.06 -18.44
CA GLY A 389 -9.94 6.16 -17.81
C GLY A 389 -9.51 6.34 -16.36
N PRO A 390 -9.48 7.58 -15.87
CA PRO A 390 -9.10 7.79 -14.48
C PRO A 390 -10.07 7.10 -13.55
N PHE A 391 -9.56 6.66 -12.40
CA PHE A 391 -10.40 6.00 -11.42
C PHE A 391 -11.56 6.93 -11.02
N TYR A 392 -12.58 6.33 -10.41
CA TYR A 392 -13.75 7.10 -10.00
C TYR A 392 -13.37 8.08 -8.89
N ARG A 393 -14.36 8.85 -8.45
CA ARG A 393 -14.19 9.81 -7.36
C ARG A 393 -15.18 9.43 -6.27
N THR A 394 -14.71 8.73 -5.24
CA THR A 394 -15.60 8.21 -4.21
C THR A 394 -16.09 9.33 -3.29
N GLU A 395 -17.20 9.08 -2.63
CA GLU A 395 -17.78 10.00 -1.66
C GLU A 395 -18.30 9.23 -0.44
N GLN A 396 -17.49 8.31 0.07
CA GLN A 396 -17.94 7.44 1.15
C GLN A 396 -18.50 8.25 2.32
N ILE A 397 -19.64 7.80 2.83
CA ILE A 397 -20.28 8.38 3.99
C ILE A 397 -20.53 7.26 4.99
N PHE A 398 -20.15 7.48 6.24
CA PHE A 398 -20.33 6.50 7.31
C PHE A 398 -21.42 6.98 8.25
N VAL A 399 -22.36 6.10 8.58
CA VAL A 399 -23.39 6.38 9.57
C VAL A 399 -23.14 5.47 10.75
N VAL A 400 -22.78 6.06 11.89
CA VAL A 400 -22.27 5.32 13.03
C VAL A 400 -23.18 5.54 14.22
N ASN A 401 -23.48 4.45 14.94
CA ASN A 401 -24.21 4.49 16.19
C ASN A 401 -23.41 3.79 17.28
N GLU A 402 -22.16 4.22 17.46
CA GLU A 402 -21.28 3.62 18.44
C GLU A 402 -22.04 3.30 19.73
N THR A 403 -21.79 2.11 20.27
CA THR A 403 -22.55 1.59 21.41
C THR A 403 -23.99 1.29 21.01
N GLY A 404 -24.17 0.41 20.03
CA GLY A 404 -25.47 -0.09 19.67
C GLY A 404 -25.63 -0.32 18.18
N PRO A 405 -26.59 -1.16 17.79
CA PRO A 405 -26.90 -1.30 16.36
C PRO A 405 -27.44 -0.01 15.78
N VAL A 406 -27.17 0.19 14.49
CA VAL A 406 -27.52 1.44 13.82
C VAL A 406 -28.84 1.28 13.07
N LEU A 407 -29.11 0.08 12.59
CA LEU A 407 -30.26 -0.16 11.72
C LEU A 407 -31.54 -0.17 12.55
N SER A 408 -32.32 0.90 12.43
CA SER A 408 -33.64 0.97 13.04
C SER A 408 -34.57 1.69 12.07
N TYR A 409 -35.87 1.43 12.21
CA TYR A 409 -36.81 1.96 11.23
C TYR A 409 -36.75 3.47 11.16
N GLU A 410 -36.72 4.15 12.32
CA GLU A 410 -36.62 5.60 12.31
C GLU A 410 -35.34 6.05 11.63
N THR A 411 -34.22 5.36 11.88
CA THR A 411 -32.98 5.69 11.20
C THR A 411 -33.06 5.35 9.72
N LEU A 412 -33.58 4.16 9.40
CA LEU A 412 -33.72 3.79 8.00
C LEU A 412 -34.68 4.73 7.28
N HIS A 413 -35.79 5.08 7.92
CA HIS A 413 -36.72 6.03 7.31
C HIS A 413 -36.06 7.38 7.12
N TRP A 414 -35.28 7.84 8.10
CA TRP A 414 -34.62 9.13 7.98
C TRP A 414 -33.59 9.10 6.86
N TRP A 415 -32.76 8.05 6.79
CA TRP A 415 -31.71 8.01 5.79
C TRP A 415 -32.27 7.98 4.38
N PHE A 416 -33.28 7.14 4.14
CA PHE A 416 -33.85 7.04 2.80
C PHE A 416 -34.31 8.39 2.29
N ASP A 417 -34.74 9.28 3.18
CA ASP A 417 -35.19 10.60 2.79
C ASP A 417 -34.03 11.56 2.52
N VAL A 418 -32.80 11.19 2.86
CA VAL A 418 -31.64 12.03 2.59
C VAL A 418 -30.70 11.42 1.57
N GLU A 419 -30.63 10.09 1.46
CA GLU A 419 -29.81 9.51 0.40
C GLU A 419 -30.39 9.83 -0.97
N ASN A 420 -31.72 9.76 -1.09
CA ASN A 420 -32.34 10.15 -2.35
C ASN A 420 -32.10 11.62 -2.64
N PHE A 421 -32.18 12.47 -1.62
CA PHE A 421 -31.97 13.90 -1.82
C PHE A 421 -30.57 14.16 -2.36
N ILE A 422 -29.56 13.50 -1.79
CA ILE A 422 -28.18 13.74 -2.22
C ILE A 422 -27.99 13.32 -3.67
N THR A 423 -28.50 12.15 -4.04
CA THR A 423 -28.21 11.56 -5.34
C THR A 423 -29.23 11.91 -6.41
N GLU A 424 -30.30 12.64 -6.07
CA GLU A 424 -31.34 12.97 -7.04
C GLU A 424 -31.50 14.46 -7.28
N GLU A 425 -31.67 15.26 -6.23
CA GLU A 425 -32.03 16.66 -6.38
C GLU A 425 -31.18 17.54 -5.46
N LEU A 426 -29.87 17.33 -5.48
CA LEU A 426 -28.97 18.23 -4.76
C LEU A 426 -28.53 19.39 -5.64
N GLN A 427 -27.89 19.08 -6.78
CA GLN A 427 -27.51 20.07 -7.77
C GLN A 427 -26.50 21.07 -7.21
N SER A 428 -25.39 21.25 -7.93
CA SER A 428 -24.36 22.19 -7.52
C SER A 428 -24.82 23.60 -7.84
N SER A 429 -23.91 24.58 -7.71
CA SER A 429 -24.25 25.95 -8.04
C SER A 429 -24.53 26.14 -9.51
N GLU A 430 -24.09 25.21 -10.36
CA GLU A 430 -24.33 25.26 -11.79
C GLU A 430 -25.51 24.38 -12.21
N ASN A 431 -26.22 23.79 -11.25
CA ASN A 431 -27.34 22.89 -11.53
C ASN A 431 -26.86 21.65 -12.27
N ILE A 432 -25.97 20.91 -11.63
CA ILE A 432 -25.45 19.65 -12.12
C ILE A 432 -25.54 18.66 -10.98
N GLY A 433 -26.63 17.89 -10.93
CA GLY A 433 -26.84 16.96 -9.85
C GLY A 433 -26.00 15.71 -9.99
N TYR A 434 -26.20 14.79 -9.05
CA TYR A 434 -25.46 13.53 -9.10
C TYR A 434 -25.74 12.79 -10.40
N GLN A 435 -26.96 12.88 -10.91
CA GLN A 435 -27.33 12.15 -12.12
C GLN A 435 -26.58 12.66 -13.34
N ASP A 436 -26.05 13.88 -13.29
CA ASP A 436 -25.27 14.43 -14.40
C ASP A 436 -23.78 14.13 -14.24
N LEU A 437 -23.38 13.45 -13.18
CA LEU A 437 -21.98 13.14 -12.93
C LEU A 437 -21.76 11.69 -12.50
N CYS A 438 -22.83 10.95 -12.21
CA CYS A 438 -22.67 9.62 -11.65
C CYS A 438 -21.99 8.69 -12.65
N PHE A 439 -21.71 7.47 -12.17
CA PHE A 439 -21.06 6.45 -12.97
C PHE A 439 -22.12 5.47 -13.47
N ARG A 440 -22.25 5.35 -14.79
CA ARG A 440 -23.24 4.48 -15.40
C ARG A 440 -22.55 3.31 -16.08
N PRO A 441 -22.82 2.06 -15.69
CA PRO A 441 -22.10 0.94 -16.32
C PRO A 441 -22.26 0.89 -17.82
N THR A 442 -23.39 1.37 -18.35
CA THR A 442 -23.62 1.37 -19.78
C THR A 442 -24.19 2.71 -20.22
N GLU A 443 -24.60 2.81 -21.50
CA GLU A 443 -25.20 4.05 -21.97
C GLU A 443 -26.40 4.45 -21.14
N ASP A 444 -27.30 3.50 -20.87
CA ASP A 444 -28.49 3.72 -20.08
C ASP A 444 -28.50 2.77 -18.90
N SER A 445 -28.45 3.31 -17.69
CA SER A 445 -28.52 2.52 -16.48
C SER A 445 -28.56 3.47 -15.29
N THR A 446 -29.25 3.05 -14.24
CA THR A 446 -29.35 3.89 -13.06
C THR A 446 -27.97 4.15 -12.47
N CYS A 447 -27.83 5.30 -11.81
CA CYS A 447 -26.54 5.66 -11.25
C CYS A 447 -26.11 4.63 -10.21
N VAL A 448 -24.81 4.40 -10.13
CA VAL A 448 -24.25 3.45 -9.16
C VAL A 448 -24.21 4.14 -7.81
N ILE A 449 -24.93 3.57 -6.84
CA ILE A 449 -24.95 4.06 -5.46
C ILE A 449 -24.75 2.84 -4.58
N GLU A 450 -23.51 2.57 -4.19
CA GLU A 450 -23.20 1.38 -3.42
C GLU A 450 -23.65 1.59 -1.98
N SER A 451 -24.97 1.50 -1.78
CA SER A 451 -25.58 1.69 -0.48
C SER A 451 -26.59 0.60 -0.23
N PHE A 452 -26.92 0.39 1.04
CA PHE A 452 -27.89 -0.65 1.40
C PHE A 452 -29.30 -0.26 0.98
N THR A 453 -29.54 1.00 0.62
CA THR A 453 -30.87 1.39 0.17
C THR A 453 -31.20 0.76 -1.17
N GLN A 454 -30.19 0.48 -2.00
CA GLN A 454 -30.42 -0.10 -3.31
C GLN A 454 -30.98 -1.51 -3.24
N TYR A 455 -30.92 -2.17 -2.08
CA TYR A 455 -31.53 -3.49 -1.97
C TYR A 455 -33.03 -3.42 -2.23
N PHE A 456 -33.69 -2.38 -1.72
CA PHE A 456 -35.11 -2.16 -1.97
C PHE A 456 -35.37 -1.30 -3.20
N GLN A 457 -34.41 -1.22 -4.12
CA GLN A 457 -34.55 -0.42 -5.33
C GLN A 457 -34.75 1.06 -5.01
N GLY A 458 -34.41 1.49 -3.79
CA GLY A 458 -34.55 2.87 -3.41
C GLY A 458 -35.90 3.25 -2.85
N ALA A 459 -36.78 2.30 -2.58
CA ALA A 459 -38.11 2.56 -2.05
C ALA A 459 -38.17 2.16 -0.59
N LEU A 460 -38.93 2.92 0.19
CA LEU A 460 -39.07 2.62 1.61
C LEU A 460 -39.72 1.25 1.78
N PRO A 461 -39.16 0.36 2.59
CA PRO A 461 -39.84 -0.91 2.87
C PRO A 461 -40.95 -0.72 3.90
N ASN A 462 -41.86 -1.69 3.91
CA ASN A 462 -42.95 -1.67 4.87
C ASN A 462 -42.44 -2.01 6.27
N LYS A 463 -42.95 -1.28 7.26
CA LYS A 463 -42.48 -1.47 8.62
C LYS A 463 -42.78 -2.86 9.16
N ASP A 464 -43.76 -3.56 8.59
CA ASP A 464 -44.17 -4.84 9.15
C ASP A 464 -43.06 -5.88 9.04
N SER A 465 -42.31 -5.89 7.93
CA SER A 465 -41.30 -6.92 7.70
C SER A 465 -40.02 -6.35 7.10
N TRP A 466 -39.66 -5.11 7.46
CA TRP A 466 -38.46 -4.53 6.89
C TRP A 466 -37.20 -5.26 7.38
N LYS A 467 -37.19 -5.72 8.62
CA LYS A 467 -36.01 -6.40 9.15
C LYS A 467 -35.72 -7.67 8.37
N ARG A 468 -36.75 -8.50 8.16
CA ARG A 468 -36.53 -9.77 7.49
C ARG A 468 -36.06 -9.57 6.05
N GLU A 469 -36.62 -8.58 5.35
CA GLU A 469 -36.26 -8.37 3.96
C GLU A 469 -34.78 -8.08 3.82
N LEU A 470 -34.25 -7.20 4.67
CA LEU A 470 -32.84 -6.81 4.55
C LEU A 470 -31.92 -8.00 4.80
N GLN A 471 -32.24 -8.82 5.80
CA GLN A 471 -31.39 -9.96 6.11
C GLN A 471 -31.27 -10.90 4.91
N GLU A 472 -32.39 -11.19 4.27
CA GLU A 472 -32.36 -12.08 3.11
C GLU A 472 -31.54 -11.48 1.97
N CYS A 473 -31.73 -10.18 1.71
CA CYS A 473 -30.96 -9.53 0.66
C CYS A 473 -29.47 -9.55 0.98
N GLY A 474 -29.11 -9.29 2.23
CA GLY A 474 -27.70 -9.32 2.60
C GLY A 474 -27.10 -10.70 2.49
N LYS A 475 -27.84 -11.72 2.93
CA LYS A 475 -27.34 -13.09 2.84
C LYS A 475 -27.18 -13.52 1.39
N PHE A 476 -28.13 -13.15 0.53
CA PHE A 476 -28.13 -13.54 -0.88
C PHE A 476 -28.28 -12.28 -1.72
N PRO A 477 -27.17 -11.59 -2.01
CA PRO A 477 -27.27 -10.33 -2.77
C PRO A 477 -27.91 -10.50 -4.14
N VAL A 478 -27.71 -11.65 -4.79
CA VAL A 478 -28.17 -11.80 -6.16
C VAL A 478 -29.67 -11.62 -6.25
N ASN A 479 -30.41 -12.09 -5.24
CA ASN A 479 -31.87 -11.95 -5.28
C ASN A 479 -32.29 -10.49 -5.32
N CYS A 480 -31.71 -9.67 -4.43
CA CYS A 480 -32.08 -8.26 -4.34
C CYS A 480 -31.07 -7.42 -5.12
N LEU A 481 -31.05 -7.63 -6.42
CA LEU A 481 -30.18 -6.85 -7.28
C LEU A 481 -30.63 -5.39 -7.29
N PRO A 482 -29.70 -4.44 -7.30
CA PRO A 482 -30.08 -3.03 -7.31
C PRO A 482 -30.61 -2.63 -8.69
N THR A 483 -30.92 -1.35 -8.83
CA THR A 483 -31.49 -0.85 -10.08
C THR A 483 -30.53 -0.98 -11.25
N PHE A 484 -29.22 -1.00 -10.99
CA PHE A 484 -28.22 -1.03 -12.06
C PHE A 484 -27.69 -2.42 -12.33
N GLN A 485 -28.30 -3.45 -11.75
CA GLN A 485 -27.96 -4.84 -12.05
C GLN A 485 -26.50 -5.14 -11.70
N GLN A 486 -26.18 -4.99 -10.42
CA GLN A 486 -24.86 -5.34 -9.91
C GLN A 486 -24.99 -5.75 -8.45
N PRO A 487 -24.72 -7.01 -8.10
CA PRO A 487 -24.88 -7.43 -6.70
C PRO A 487 -23.97 -6.63 -5.78
N LEU A 488 -24.48 -6.33 -4.58
CA LEU A 488 -23.74 -5.56 -3.58
C LEU A 488 -23.44 -6.47 -2.40
N LYS A 489 -22.16 -6.77 -2.21
CA LYS A 489 -21.76 -7.63 -1.11
C LYS A 489 -22.02 -6.93 0.22
N THR A 490 -22.41 -7.71 1.23
CA THR A 490 -22.71 -7.11 2.53
C THR A 490 -21.48 -6.49 3.17
N ASN A 491 -20.28 -6.98 2.83
CA ASN A 491 -19.08 -6.41 3.42
C ASN A 491 -18.89 -4.97 2.99
N LEU A 492 -19.21 -4.65 1.73
CA LEU A 492 -19.07 -3.29 1.22
C LEU A 492 -20.15 -2.35 1.72
N LEU A 493 -21.17 -2.87 2.41
CA LEU A 493 -22.31 -2.06 2.82
C LEU A 493 -22.53 -2.01 4.32
N PHE A 494 -21.74 -2.74 5.12
CA PHE A 494 -21.95 -2.75 6.56
C PHE A 494 -20.63 -3.02 7.25
N SER A 495 -20.58 -2.66 8.53
CA SER A 495 -19.36 -2.84 9.31
C SER A 495 -19.03 -4.31 9.55
N ASP A 496 -20.03 -5.20 9.49
CA ASP A 496 -19.80 -6.62 9.64
C ASP A 496 -20.88 -7.36 8.86
N ASP A 497 -20.79 -8.69 8.86
CA ASP A 497 -21.71 -9.51 8.08
C ASP A 497 -23.00 -9.83 8.82
N ASP A 498 -23.12 -9.45 10.09
CA ASP A 498 -24.37 -9.67 10.81
C ASP A 498 -25.45 -8.65 10.45
N ILE A 499 -25.06 -7.52 9.87
CA ILE A 499 -25.99 -6.51 9.37
C ILE A 499 -26.81 -5.94 10.52
N LEU A 500 -27.73 -6.74 11.08
CA LEU A 500 -28.66 -6.21 12.07
C LEU A 500 -27.93 -5.66 13.28
N ASN A 501 -26.88 -6.34 13.73
CA ASN A 501 -26.07 -5.86 14.84
C ASN A 501 -24.91 -4.98 14.38
N ALA A 502 -24.79 -4.72 13.08
CA ALA A 502 -23.71 -3.89 12.58
C ALA A 502 -23.77 -2.50 13.22
N HIS A 503 -22.60 -1.99 13.59
CA HIS A 503 -22.54 -0.67 14.24
C HIS A 503 -22.72 0.46 13.23
N ALA A 504 -22.20 0.30 12.01
CA ALA A 504 -22.29 1.36 11.01
C ALA A 504 -22.42 0.74 9.64
N PHE A 505 -23.02 1.51 8.72
CA PHE A 505 -23.15 1.11 7.33
C PHE A 505 -22.57 2.19 6.43
N VAL A 506 -22.02 1.76 5.31
CA VAL A 506 -21.30 2.64 4.40
C VAL A 506 -22.20 2.97 3.21
N VAL A 507 -21.97 4.14 2.63
CA VAL A 507 -22.73 4.58 1.46
C VAL A 507 -21.77 5.25 0.48
N THR A 508 -21.33 4.51 -0.53
CA THR A 508 -20.33 4.99 -1.47
C THR A 508 -20.99 5.51 -2.73
N LEU A 509 -20.64 6.73 -3.12
CA LEU A 509 -21.10 7.33 -4.37
C LEU A 509 -19.91 7.49 -5.29
N LEU A 510 -20.07 7.07 -6.54
CA LEU A 510 -18.98 7.06 -7.51
C LEU A 510 -19.30 8.03 -8.65
N LEU A 511 -18.33 8.89 -8.98
CA LEU A 511 -18.46 9.85 -10.05
C LEU A 511 -17.44 9.51 -11.13
N THR A 512 -17.91 9.43 -12.37
CA THR A 512 -17.05 9.18 -13.52
C THR A 512 -16.81 10.45 -14.34
N ASN A 513 -17.11 11.62 -13.78
CA ASN A 513 -16.91 12.89 -14.46
C ASN A 513 -15.73 13.60 -13.83
N HIS A 514 -14.67 13.80 -14.63
CA HIS A 514 -13.40 14.34 -14.15
C HIS A 514 -13.16 15.75 -14.68
N THR A 515 -14.20 16.57 -14.72
CA THR A 515 -14.11 17.97 -15.10
C THR A 515 -14.35 18.86 -13.89
N GLN A 516 -14.10 20.15 -14.07
CA GLN A 516 -14.29 21.09 -12.98
C GLN A 516 -15.72 21.11 -12.46
N SER A 517 -16.68 20.67 -13.28
CA SER A 517 -18.06 20.62 -12.83
C SER A 517 -18.23 19.65 -11.66
N ALA A 518 -17.54 18.50 -11.71
CA ALA A 518 -17.64 17.54 -10.63
C ALA A 518 -17.10 18.10 -9.33
N ASN A 519 -16.05 18.91 -9.41
CA ASN A 519 -15.49 19.50 -8.19
C ASN A 519 -16.51 20.40 -7.50
N ARG A 520 -17.27 21.18 -8.27
CA ARG A 520 -18.23 22.09 -7.66
C ARG A 520 -19.33 21.33 -6.93
N TRP A 521 -19.81 20.23 -7.51
CA TRP A 521 -20.84 19.45 -6.82
C TRP A 521 -20.30 18.88 -5.52
N GLU A 522 -19.07 18.38 -5.52
CA GLU A 522 -18.49 17.84 -4.29
C GLU A 522 -18.41 18.91 -3.22
N GLU A 523 -18.06 20.14 -3.60
CA GLU A 523 -18.08 21.24 -2.64
C GLU A 523 -19.48 21.44 -2.08
N ARG A 524 -20.50 21.34 -2.93
CA ARG A 524 -21.86 21.45 -2.46
C ARG A 524 -22.22 20.29 -1.52
N LEU A 525 -21.77 19.08 -1.86
CA LEU A 525 -22.03 17.94 -0.99
C LEU A 525 -21.38 18.12 0.37
N GLU A 526 -20.14 18.59 0.40
CA GLU A 526 -19.46 18.82 1.66
C GLU A 526 -20.21 19.85 2.50
N GLU A 527 -20.68 20.93 1.88
CA GLU A 527 -21.41 21.95 2.62
C GLU A 527 -22.81 21.49 3.00
N TYR A 528 -23.30 20.41 2.39
CA TYR A 528 -24.62 19.88 2.73
C TYR A 528 -24.58 18.88 3.87
N LEU A 529 -23.49 18.13 4.00
CA LEU A 529 -23.41 17.16 5.09
C LEU A 529 -22.95 17.80 6.38
N LEU A 530 -22.12 18.84 6.32
CA LEU A 530 -21.68 19.50 7.55
C LEU A 530 -22.85 20.14 8.27
N ASP A 531 -23.77 20.76 7.54
CA ASP A 531 -24.95 21.39 8.12
C ASP A 531 -26.10 20.42 8.29
N LEU A 532 -25.94 19.16 7.90
CA LEU A 532 -27.01 18.18 8.05
C LEU A 532 -27.23 17.86 9.52
N LYS A 533 -28.49 17.70 9.90
CA LYS A 533 -28.86 17.34 11.26
C LYS A 533 -29.17 15.86 11.32
N VAL A 534 -28.49 15.14 12.23
CA VAL A 534 -28.62 13.70 12.33
C VAL A 534 -29.47 13.35 13.56
N PRO A 535 -30.14 12.20 13.57
CA PRO A 535 -30.90 11.81 14.77
C PRO A 535 -29.98 11.63 15.97
N GLU A 536 -30.53 11.86 17.15
CA GLU A 536 -29.74 11.74 18.37
C GLU A 536 -29.16 10.32 18.49
N GLY A 537 -27.88 10.25 18.84
CA GLY A 537 -27.20 8.99 19.03
C GLY A 537 -26.38 8.53 17.85
N LEU A 538 -26.58 9.10 16.67
CA LEU A 538 -25.84 8.70 15.49
C LEU A 538 -24.61 9.60 15.32
N ARG A 539 -23.93 9.43 14.20
CA ARG A 539 -22.72 10.20 13.91
C ARG A 539 -22.36 9.97 12.45
N ILE A 540 -22.12 11.03 11.71
CA ILE A 540 -21.83 10.98 10.28
C ILE A 540 -20.39 11.40 10.06
N SER A 541 -19.64 10.58 9.34
CA SER A 541 -18.30 10.92 8.90
C SER A 541 -18.19 10.58 7.42
N PHE A 542 -17.68 11.53 6.63
CA PHE A 542 -17.69 11.41 5.18
C PHE A 542 -16.35 11.88 4.63
N ASN A 543 -16.18 11.73 3.33
CA ASN A 543 -14.98 12.23 2.67
C ASN A 543 -15.25 12.30 1.17
N THR A 544 -15.28 13.51 0.63
CA THR A 544 -15.37 13.69 -0.82
C THR A 544 -13.98 13.60 -1.42
N GLU A 545 -13.90 13.69 -2.75
CA GLU A 545 -12.60 13.62 -3.40
C GLU A 545 -11.75 14.83 -3.05
N ILE A 546 -12.35 16.02 -3.02
CA ILE A 546 -11.60 17.25 -2.79
C ILE A 546 -11.44 17.58 -1.30
N SER A 547 -11.94 16.73 -0.41
CA SER A 547 -11.85 17.04 1.01
C SER A 547 -10.40 17.11 1.47
N LEU A 548 -9.59 16.12 1.07
CA LEU A 548 -8.20 16.10 1.50
C LEU A 548 -7.45 17.31 0.98
N GLU A 549 -7.60 17.61 -0.31
CA GLU A 549 -6.91 18.76 -0.88
C GLU A 549 -7.34 20.06 -0.19
N LYS A 550 -8.64 20.20 0.09
CA LYS A 550 -9.13 21.41 0.72
C LYS A 550 -8.70 21.49 2.19
N GLU A 551 -8.47 20.36 2.83
CA GLU A 551 -8.14 20.36 4.26
C GLU A 551 -6.66 20.44 4.60
N LEU A 552 -5.78 20.00 3.70
CA LEU A 552 -4.35 20.23 3.91
C LEU A 552 -4.03 21.71 3.89
N ASN A 553 -4.59 22.44 2.92
CA ASN A 553 -4.36 23.88 2.79
C ASN A 553 -5.41 24.67 3.57
N ASN A 554 -5.53 24.36 4.86
CA ASN A 554 -6.52 25.00 5.72
C ASN A 554 -6.02 25.33 7.11
N ASN A 555 -4.86 24.81 7.53
CA ASN A 555 -4.33 25.08 8.86
C ASN A 555 -3.38 26.29 8.75
N ASN A 556 -3.99 27.46 8.63
CA ASN A 556 -3.24 28.72 8.55
C ASN A 556 -2.79 29.12 9.96
N ASP A 557 -1.91 28.30 10.53
CA ASP A 557 -1.38 28.57 11.86
C ASP A 557 -0.16 29.48 11.78
N ILE A 558 -0.34 30.65 11.15
CA ILE A 558 0.72 31.64 11.08
C ILE A 558 0.85 32.43 12.37
N SER A 559 -0.16 32.36 13.25
CA SER A 559 -0.08 33.09 14.51
C SER A 559 1.12 32.65 15.34
N THR A 560 1.34 31.34 15.45
CA THR A 560 2.47 30.86 16.22
C THR A 560 3.80 31.31 15.63
N VAL A 561 3.86 31.51 14.31
CA VAL A 561 5.09 31.97 13.68
C VAL A 561 5.48 33.34 14.20
N ALA A 562 4.52 34.25 14.30
CA ALA A 562 4.83 35.59 14.80
C ALA A 562 5.30 35.54 16.24
N ILE A 563 4.67 34.70 17.06
CA ILE A 563 5.06 34.63 18.47
C ILE A 563 6.51 34.18 18.59
N SER A 564 6.91 33.18 17.83
CA SER A 564 8.27 32.68 17.92
C SER A 564 9.29 33.77 17.63
N TYR A 565 9.04 34.58 16.59
CA TYR A 565 9.92 35.70 16.32
C TYR A 565 9.90 36.69 17.47
N LEU A 566 8.72 37.02 18.00
CA LEU A 566 8.64 37.94 19.12
C LEU A 566 9.34 37.36 20.34
N MET A 567 9.15 36.07 20.62
CA MET A 567 9.86 35.44 21.72
C MET A 567 11.37 35.46 21.47
N MET A 568 11.78 35.17 20.24
CA MET A 568 13.20 35.24 19.92
C MET A 568 13.72 36.67 20.00
N PHE A 569 12.89 37.65 19.62
CA PHE A 569 13.30 39.04 19.73
C PHE A 569 13.61 39.40 21.18
N LEU A 570 12.76 38.99 22.11
CA LEU A 570 13.03 39.25 23.52
C LEU A 570 14.38 38.67 23.92
N TYR A 571 14.63 37.40 23.58
CA TYR A 571 15.91 36.80 23.90
C TYR A 571 17.06 37.49 23.17
N ALA A 572 16.86 37.88 21.91
CA ALA A 572 17.94 38.45 21.13
C ALA A 572 18.52 39.68 21.79
N THR A 573 17.66 40.54 22.34
CA THR A 573 18.17 41.71 23.06
C THR A 573 18.99 41.30 24.27
N TRP A 574 18.49 40.33 25.04
CA TRP A 574 19.21 39.90 26.23
C TRP A 574 20.56 39.29 25.87
N ALA A 575 20.60 38.47 24.82
CA ALA A 575 21.84 37.81 24.44
C ALA A 575 22.90 38.81 24.03
N LEU A 576 22.51 39.86 23.32
CA LEU A 576 23.44 40.84 22.78
C LEU A 576 23.71 42.00 23.74
N ARG A 577 23.15 41.96 24.95
CA ARG A 577 23.35 43.06 25.88
C ARG A 577 24.82 43.27 26.16
N ARG A 578 25.23 44.53 26.29
CA ARG A 578 26.62 44.85 26.59
C ARG A 578 27.01 44.27 27.94
N LYS A 579 28.28 43.83 28.03
CA LYS A 579 28.77 43.29 29.29
C LYS A 579 28.61 44.30 30.42
N ASP A 580 28.70 45.60 30.12
CA ASP A 580 28.47 46.61 31.14
C ASP A 580 27.04 46.53 31.66
N GLY A 581 26.08 46.32 30.77
CA GLY A 581 24.68 46.24 31.15
C GLY A 581 23.77 46.90 30.14
N LYS A 582 24.34 47.76 29.30
CA LYS A 582 23.55 48.43 28.28
C LYS A 582 22.97 47.41 27.31
N THR A 583 21.75 47.67 26.85
CA THR A 583 21.07 46.81 25.90
C THR A 583 21.08 47.46 24.52
N ARG A 584 21.49 46.70 23.51
CA ARG A 584 21.56 47.18 22.13
C ARG A 584 20.34 46.64 21.40
N LEU A 585 19.23 47.39 21.46
CA LEU A 585 18.01 46.95 20.80
C LEU A 585 18.16 46.88 19.29
N LEU A 586 18.87 47.84 18.71
CA LEU A 586 18.95 47.91 17.25
C LEU A 586 19.59 46.64 16.68
N LEU A 587 20.61 46.11 17.34
CA LEU A 587 21.27 44.91 16.83
C LEU A 587 20.31 43.74 16.79
N GLY A 588 19.53 43.54 17.85
CA GLY A 588 18.58 42.44 17.86
C GLY A 588 17.56 42.54 16.74
N ILE A 589 17.00 43.73 16.53
CA ILE A 589 16.06 43.93 15.43
C ILE A 589 16.76 43.71 14.10
N SER A 590 17.97 44.27 13.95
CA SER A 590 18.70 44.13 12.69
C SER A 590 18.98 42.67 12.38
N GLY A 591 19.22 41.85 13.41
CA GLY A 591 19.44 40.44 13.17
C GLY A 591 18.21 39.74 12.64
N LEU A 592 17.05 40.03 13.21
CA LEU A 592 15.81 39.38 12.77
C LEU A 592 15.45 39.82 11.35
N LEU A 593 15.53 41.12 11.08
CA LEU A 593 15.18 41.61 9.75
C LEU A 593 16.01 40.92 8.68
N ILE A 594 17.29 40.65 8.98
CA ILE A 594 18.15 39.98 8.01
C ILE A 594 17.63 38.57 7.72
N VAL A 595 17.21 37.86 8.77
CA VAL A 595 16.68 36.51 8.58
C VAL A 595 15.44 36.56 7.70
N LEU A 596 14.50 37.44 8.01
CA LEU A 596 13.29 37.55 7.21
C LEU A 596 13.61 37.96 5.78
N ALA A 597 14.55 38.90 5.62
CA ALA A 597 14.94 39.32 4.28
C ALA A 597 15.48 38.15 3.47
N SER A 598 16.18 37.22 4.13
CA SER A 598 16.69 36.06 3.43
C SER A 598 15.58 35.21 2.87
N ILE A 599 14.55 34.94 3.67
CA ILE A 599 13.44 34.10 3.21
C ILE A 599 12.72 34.78 2.05
N VAL A 600 12.45 36.09 2.18
CA VAL A 600 11.77 36.81 1.12
C VAL A 600 12.61 36.78 -0.15
N CYS A 601 13.92 37.02 -0.02
CA CYS A 601 14.79 36.97 -1.19
C CYS A 601 14.86 35.56 -1.76
N ALA A 602 14.91 34.55 -0.88
CA ALA A 602 15.00 33.17 -1.36
C ALA A 602 13.75 32.77 -2.13
N ALA A 603 12.57 33.13 -1.62
CA ALA A 603 11.34 32.78 -2.32
C ALA A 603 11.26 33.47 -3.67
N GLY A 604 11.63 34.75 -3.73
CA GLY A 604 11.60 35.46 -4.99
C GLY A 604 12.54 34.87 -6.02
N PHE A 605 13.77 34.56 -5.60
CA PHE A 605 14.75 34.01 -6.53
C PHE A 605 14.29 32.67 -7.08
N LEU A 606 13.75 31.81 -6.23
CA LEU A 606 13.30 30.50 -6.67
C LEU A 606 11.94 30.53 -7.34
N THR A 607 11.16 31.61 -7.17
CA THR A 607 9.90 31.72 -7.88
C THR A 607 10.12 31.86 -9.39
N LEU A 608 11.22 32.48 -9.80
CA LEU A 608 11.50 32.64 -11.21
C LEU A 608 11.64 31.28 -11.89
N PHE A 609 12.34 30.35 -11.25
CA PHE A 609 12.54 29.03 -11.83
C PHE A 609 11.28 28.18 -11.84
N GLY A 610 10.21 28.63 -11.17
CA GLY A 610 8.94 27.95 -11.21
C GLY A 610 8.66 27.01 -10.06
N LEU A 611 9.50 26.98 -9.04
CA LEU A 611 9.23 26.14 -7.88
C LEU A 611 8.07 26.71 -7.07
N LYS A 612 7.26 25.81 -6.52
CA LYS A 612 6.13 26.17 -5.68
C LYS A 612 6.30 25.52 -4.32
N SER A 613 5.99 26.27 -3.26
CA SER A 613 6.13 25.81 -1.89
C SER A 613 4.75 25.60 -1.28
N THR A 614 4.57 24.44 -0.64
CA THR A 614 3.29 24.15 0.00
C THR A 614 3.13 24.98 1.27
N LEU A 615 1.86 25.20 1.65
CA LEU A 615 1.60 26.01 2.83
C LEU A 615 2.17 25.37 4.08
N ILE A 616 2.03 24.05 4.23
CA ILE A 616 2.56 23.37 5.41
C ILE A 616 4.06 23.52 5.47
N ILE A 617 4.74 23.37 4.33
CA ILE A 617 6.19 23.51 4.31
C ILE A 617 6.60 24.98 4.30
N ALA A 618 5.71 25.88 3.86
CA ALA A 618 6.06 27.29 3.83
C ALA A 618 6.02 27.93 5.21
N GLU A 619 5.52 27.22 6.23
CA GLU A 619 5.52 27.75 7.58
C GLU A 619 6.70 27.28 8.40
N VAL A 620 7.30 26.14 8.05
CA VAL A 620 8.46 25.66 8.78
C VAL A 620 9.68 26.53 8.50
N ILE A 621 9.84 26.96 7.25
CA ILE A 621 11.06 27.67 6.87
C ILE A 621 11.34 28.85 7.79
N PRO A 622 10.37 29.72 8.11
CA PRO A 622 10.66 30.81 9.05
C PRO A 622 11.23 30.33 10.37
N PHE A 623 10.74 29.21 10.91
CA PHE A 623 11.30 28.68 12.14
C PHE A 623 12.73 28.20 11.95
N LEU A 624 12.98 27.51 10.84
CA LEU A 624 14.31 26.93 10.63
C LEU A 624 15.36 28.01 10.46
N ILE A 625 15.12 28.98 9.58
CA ILE A 625 16.12 30.01 9.32
C ILE A 625 16.36 30.85 10.57
N LEU A 626 15.31 31.09 11.36
CA LEU A 626 15.51 31.79 12.63
C LEU A 626 16.43 31.01 13.55
N ALA A 627 16.25 29.69 13.62
CA ALA A 627 17.06 28.89 14.52
C ALA A 627 18.54 28.95 14.16
N ILE A 628 18.85 28.95 12.86
CA ILE A 628 20.22 28.86 12.40
C ILE A 628 20.75 30.24 12.02
N GLY A 629 19.88 31.12 11.54
CA GLY A 629 20.35 32.41 11.06
C GLY A 629 20.92 33.27 12.17
N ILE A 630 20.20 33.37 13.29
CA ILE A 630 20.64 34.22 14.40
C ILE A 630 21.90 33.66 15.05
N ASP A 631 22.24 32.40 14.78
CA ASP A 631 23.35 31.77 15.48
C ASP A 631 24.66 32.49 15.22
N ASN A 632 24.87 32.95 13.97
CA ASN A 632 26.10 33.66 13.66
C ASN A 632 26.11 35.08 14.19
N ILE A 633 24.95 35.66 14.46
CA ILE A 633 24.91 37.05 14.91
C ILE A 633 25.65 37.20 16.23
N PHE A 634 25.37 36.32 17.19
CA PHE A 634 25.99 36.45 18.49
C PHE A 634 27.50 36.27 18.39
N LEU A 635 27.95 35.31 17.59
CA LEU A 635 29.38 35.04 17.49
C LEU A 635 30.14 36.24 16.97
N ILE A 636 29.69 36.81 15.84
CA ILE A 636 30.42 37.95 15.27
C ILE A 636 30.39 39.13 16.23
N THR A 637 29.24 39.39 16.85
CA THR A 637 29.16 40.46 17.83
C THR A 637 29.93 40.12 19.10
N HIS A 638 29.85 38.86 19.55
CA HIS A 638 30.55 38.48 20.76
C HIS A 638 32.06 38.58 20.58
N GLU A 639 32.57 38.15 19.42
CA GLU A 639 34.00 38.25 19.17
C GLU A 639 34.45 39.71 19.14
N TYR A 640 33.68 40.57 18.48
CA TYR A 640 33.99 42.00 18.53
C TYR A 640 33.89 42.51 19.96
N ASP A 641 32.87 42.07 20.70
CA ASP A 641 32.73 42.50 22.09
C ASP A 641 33.94 42.07 22.91
N ARG A 642 34.44 40.87 22.68
CA ARG A 642 35.68 40.45 23.32
C ARG A 642 36.84 41.35 22.91
N ASN A 643 36.89 41.71 21.63
CA ASN A 643 37.92 42.62 21.14
C ASN A 643 37.72 44.04 21.65
N CYS A 644 36.59 44.34 22.28
CA CYS A 644 36.40 45.67 22.86
C CYS A 644 37.29 45.87 24.08
N GLU A 645 37.39 44.87 24.94
CA GLU A 645 38.22 44.97 26.14
C GLU A 645 39.68 44.64 25.87
N GLN A 646 40.00 44.03 24.74
CA GLN A 646 41.37 43.74 24.36
C GLN A 646 41.73 44.54 23.11
N LYS A 647 43.03 44.70 22.88
CA LYS A 647 43.54 45.47 21.75
C LYS A 647 42.85 46.83 21.68
N PRO A 648 42.92 47.63 22.74
CA PRO A 648 42.24 48.94 22.72
C PRO A 648 42.80 49.90 21.69
N GLU A 649 44.01 49.65 21.18
CA GLU A 649 44.59 50.56 20.19
C GLU A 649 43.72 50.63 18.94
N TYR A 650 43.18 49.49 18.50
CA TYR A 650 42.36 49.47 17.30
C TYR A 650 41.10 50.31 17.50
N SER A 651 40.67 50.96 16.42
CA SER A 651 39.47 51.80 16.46
C SER A 651 38.23 50.92 16.35
N ILE A 652 37.05 51.54 16.22
CA ILE A 652 35.82 50.77 16.07
C ILE A 652 35.85 49.98 14.77
N ASP A 653 36.23 50.63 13.68
CA ASP A 653 36.27 49.94 12.39
C ASP A 653 37.32 48.83 12.39
N GLN A 654 38.50 49.12 12.95
CA GLN A 654 39.58 48.13 12.93
C GLN A 654 39.20 46.88 13.69
N LYS A 655 38.53 47.03 14.84
CA LYS A 655 38.15 45.87 15.64
C LYS A 655 37.20 44.96 14.86
N ILE A 656 36.27 45.56 14.10
CA ILE A 656 35.27 44.77 13.39
C ILE A 656 35.94 43.78 12.46
N ILE A 657 36.90 44.24 11.67
CA ILE A 657 37.56 43.36 10.71
C ILE A 657 38.30 42.25 11.44
N SER A 658 38.86 42.55 12.61
CA SER A 658 39.55 41.52 13.37
C SER A 658 38.59 40.40 13.76
N ALA A 659 37.39 40.76 14.23
CA ALA A 659 36.43 39.73 14.62
C ALA A 659 36.02 38.87 13.44
N ILE A 660 35.79 39.49 12.28
CA ILE A 660 35.43 38.73 11.09
C ILE A 660 36.58 37.82 10.67
N GLY A 661 37.80 38.35 10.66
CA GLY A 661 38.94 37.55 10.25
C GLY A 661 39.19 36.38 11.17
N ARG A 662 39.07 36.60 12.49
CA ARG A 662 39.32 35.52 13.43
C ARG A 662 38.32 34.39 13.26
N MET A 663 37.05 34.72 13.04
CA MET A 663 35.99 33.73 12.95
C MET A 663 35.66 33.36 11.51
N SER A 664 36.48 33.77 10.55
CA SER A 664 36.23 33.43 9.16
C SER A 664 36.11 31.93 8.94
N PRO A 665 36.99 31.08 9.47
CA PRO A 665 36.86 29.65 9.18
C PRO A 665 35.72 28.99 9.92
N SER A 666 35.50 29.34 11.18
CA SER A 666 34.43 28.72 11.94
C SER A 666 33.07 29.00 11.30
N ILE A 667 32.83 30.25 10.90
CA ILE A 667 31.53 30.60 10.32
C ILE A 667 31.37 29.94 8.96
N LEU A 668 32.42 29.94 8.13
CA LEU A 668 32.30 29.39 6.79
C LEU A 668 31.97 27.89 6.84
N MET A 669 32.60 27.16 7.74
CA MET A 669 32.28 25.74 7.87
C MET A 669 30.83 25.54 8.25
N SER A 670 30.32 26.37 9.17
CA SER A 670 28.91 26.31 9.53
C SER A 670 28.01 26.60 8.34
N LEU A 671 28.54 27.24 7.29
CA LEU A 671 27.76 27.46 6.08
C LEU A 671 27.84 26.27 5.16
N LEU A 672 29.05 25.81 4.85
CA LEU A 672 29.20 24.64 3.99
C LEU A 672 28.60 23.40 4.63
N CYS A 673 28.56 23.34 5.96
CA CYS A 673 27.87 22.25 6.63
C CYS A 673 26.36 22.43 6.61
N GLN A 674 25.90 23.68 6.64
CA GLN A 674 24.47 23.98 6.58
C GLN A 674 23.96 24.13 5.16
N THR A 675 24.79 23.87 4.16
CA THR A 675 24.37 23.87 2.77
C THR A 675 24.55 22.53 2.10
N GLY A 676 25.61 21.79 2.44
CA GLY A 676 25.74 20.44 1.94
C GLY A 676 24.68 19.52 2.50
N CYS A 677 24.35 19.67 3.78
CA CYS A 677 23.35 18.81 4.39
C CYS A 677 21.99 18.99 3.74
N PHE A 678 21.60 20.23 3.46
CA PHE A 678 20.33 20.45 2.76
C PHE A 678 20.37 19.87 1.35
N LEU A 679 21.47 20.10 0.63
CA LEU A 679 21.58 19.55 -0.72
C LEU A 679 21.51 18.04 -0.69
N ILE A 680 22.16 17.40 0.29
CA ILE A 680 22.04 15.95 0.43
C ILE A 680 20.58 15.58 0.64
N ALA A 681 19.87 16.34 1.47
CA ALA A 681 18.47 16.05 1.74
C ALA A 681 17.59 16.27 0.51
N ALA A 682 18.08 17.00 -0.50
CA ALA A 682 17.31 17.22 -1.70
C ALA A 682 17.18 15.96 -2.56
N PHE A 683 17.92 14.89 -2.23
CA PHE A 683 17.80 13.65 -2.96
C PHE A 683 16.48 12.92 -2.70
N VAL A 684 15.69 13.38 -1.73
CA VAL A 684 14.37 12.81 -1.52
C VAL A 684 13.43 13.31 -2.60
N THR A 685 12.81 12.38 -3.32
CA THR A 685 12.08 12.72 -4.54
C THR A 685 10.67 13.24 -4.28
N MET A 686 10.17 13.20 -3.06
CA MET A 686 8.85 13.74 -2.80
C MET A 686 8.88 15.24 -2.98
N PRO A 687 8.10 15.82 -3.90
CA PRO A 687 8.24 17.26 -4.17
C PRO A 687 8.02 18.14 -2.95
N ALA A 688 7.16 17.73 -2.01
CA ALA A 688 6.90 18.57 -0.85
C ALA A 688 8.17 18.83 -0.05
N VAL A 689 9.00 17.80 0.13
CA VAL A 689 10.22 17.95 0.90
C VAL A 689 11.45 18.18 0.03
N HIS A 690 11.37 17.88 -1.26
CA HIS A 690 12.45 18.29 -2.16
C HIS A 690 12.51 19.81 -2.27
N ASN A 691 11.35 20.46 -2.34
CA ASN A 691 11.33 21.92 -2.33
C ASN A 691 11.73 22.47 -0.98
N PHE A 692 11.47 21.73 0.10
CA PHE A 692 11.88 22.19 1.42
C PHE A 692 13.38 22.34 1.52
N ALA A 693 14.12 21.39 0.94
CA ALA A 693 15.58 21.50 0.94
C ALA A 693 16.04 22.68 0.11
N ILE A 694 15.53 22.81 -1.13
CA ILE A 694 15.99 23.87 -2.02
C ILE A 694 15.58 25.23 -1.48
N TYR A 695 14.36 25.35 -0.96
CA TYR A 695 13.94 26.64 -0.41
C TYR A 695 14.74 27.01 0.84
N SER A 696 15.33 26.01 1.50
CA SER A 696 16.16 26.27 2.67
C SER A 696 17.62 26.47 2.31
N THR A 697 18.11 25.81 1.26
CA THR A 697 19.49 26.03 0.84
C THR A 697 19.72 27.48 0.45
N VAL A 698 18.78 28.07 -0.28
CA VAL A 698 18.94 29.46 -0.70
C VAL A 698 18.60 30.41 0.42
N SER A 699 17.83 29.97 1.43
CA SER A 699 17.51 30.84 2.56
C SER A 699 18.65 30.90 3.57
N VAL A 700 19.69 30.09 3.40
CA VAL A 700 20.87 30.15 4.27
C VAL A 700 22.06 30.72 3.53
N ILE A 701 22.17 30.46 2.22
CA ILE A 701 23.23 31.10 1.44
C ILE A 701 23.00 32.60 1.39
N PHE A 702 21.77 33.03 1.07
CA PHE A 702 21.46 34.45 1.07
C PHE A 702 21.66 35.05 2.45
N ASN A 703 21.19 34.35 3.49
CA ASN A 703 21.43 34.84 4.84
C ASN A 703 22.92 34.94 5.13
N GLY A 704 23.69 33.93 4.73
CA GLY A 704 25.13 33.99 4.94
C GLY A 704 25.75 35.22 4.29
N VAL A 705 25.37 35.51 3.05
CA VAL A 705 25.90 36.68 2.38
C VAL A 705 25.43 37.96 3.07
N LEU A 706 24.16 38.01 3.46
CA LEU A 706 23.64 39.20 4.12
C LEU A 706 24.33 39.43 5.45
N GLN A 707 24.54 38.37 6.24
CA GLN A 707 25.12 38.52 7.56
C GLN A 707 26.59 38.94 7.49
N LEU A 708 27.26 38.74 6.36
CA LEU A 708 28.64 39.13 6.20
C LEU A 708 28.80 40.48 5.52
N THR A 709 27.83 40.89 4.70
CA THR A 709 27.92 42.16 3.98
C THR A 709 26.94 43.22 4.49
N ALA A 710 25.76 42.82 4.98
CA ALA A 710 24.78 43.79 5.45
C ALA A 710 24.89 44.03 6.95
N TYR A 711 24.78 42.96 7.75
CA TYR A 711 24.74 43.13 9.19
C TYR A 711 26.00 43.81 9.71
N VAL A 712 27.16 43.48 9.15
CA VAL A 712 28.40 44.09 9.60
C VAL A 712 28.33 45.61 9.41
N SER A 713 27.75 46.06 8.30
CA SER A 713 27.61 47.50 8.07
C SER A 713 26.72 48.14 9.13
N ILE A 714 25.64 47.47 9.51
CA ILE A 714 24.80 47.99 10.60
C ILE A 714 25.64 48.14 11.86
N LEU A 715 26.46 47.13 12.18
CA LEU A 715 27.34 47.24 13.33
C LEU A 715 28.35 48.37 13.14
N SER A 716 28.77 48.61 11.91
CA SER A 716 29.71 49.70 11.65
C SER A 716 29.13 51.05 12.05
N LEU A 717 27.81 51.21 11.96
CA LEU A 717 27.16 52.47 12.28
C LEU A 717 26.72 52.53 13.74
N TYR A 718 26.03 51.50 14.21
CA TYR A 718 25.47 51.55 15.56
C TYR A 718 26.58 51.70 16.60
N GLU A 719 27.64 50.91 16.49
CA GLU A 719 28.74 51.04 17.42
C GLU A 719 29.44 52.38 17.26
N LYS A 720 29.63 52.84 16.02
CA LYS A 720 30.27 54.12 15.79
C LYS A 720 29.44 55.25 16.38
N ARG A 721 28.13 55.21 16.20
CA ARG A 721 27.27 56.25 16.78
C ARG A 721 27.34 56.24 18.30
N SER A 722 27.33 55.05 18.90
CA SER A 722 27.33 54.96 20.36
C SER A 722 28.65 55.47 20.94
N ASN A 723 29.77 54.99 20.40
CA ASN A 723 31.09 55.33 20.93
C ASN A 723 31.15 55.10 22.44
N TYR A 724 30.82 53.89 22.85
CA TYR A 724 30.78 53.55 24.26
C TYR A 724 32.18 53.61 24.87
N LYS A 725 32.22 53.92 26.17
CA LYS A 725 33.49 53.95 26.87
C LYS A 725 34.15 52.58 26.84
N GLN A 726 35.49 52.59 26.78
CA GLN A 726 36.25 51.35 26.71
C GLN A 726 35.78 50.38 27.79
N ILE A 727 35.35 49.20 27.36
CA ILE A 727 34.81 48.21 28.27
C ILE A 727 35.97 47.46 28.93
N THR A 728 35.91 47.34 30.25
CA THR A 728 36.97 46.68 31.02
C THR A 728 36.48 45.36 31.60
N SER A 736 34.19 32.47 39.97
CA SER A 736 33.05 32.53 39.07
C SER A 736 31.88 31.74 39.65
N PHE A 737 30.66 32.19 39.35
CA PHE A 737 29.44 31.57 39.83
C PHE A 737 28.82 30.74 38.71
N LEU A 738 28.45 29.50 39.03
CA LEU A 738 27.88 28.54 38.10
C LEU A 738 28.87 28.12 37.01
N LYS A 739 30.11 28.61 37.08
CA LYS A 739 31.15 28.25 36.12
C LYS A 739 32.28 27.45 36.75
N THR A 740 32.67 27.78 37.99
CA THR A 740 33.67 26.97 38.68
C THR A 740 33.17 25.55 38.91
N PHE A 741 31.87 25.41 39.20
CA PHE A 741 31.29 24.07 39.31
C PHE A 741 31.45 23.31 38.01
N TYR A 742 31.20 23.96 36.88
CA TYR A 742 31.58 23.41 35.60
C TYR A 742 33.10 23.29 35.54
N PHE A 743 33.56 22.24 34.86
CA PHE A 743 34.97 21.85 34.73
C PHE A 743 35.45 21.15 36.00
N LYS A 744 34.63 21.07 37.04
CA LYS A 744 34.91 20.19 38.17
C LYS A 744 34.21 18.85 38.01
N MET A 745 33.00 18.86 37.45
CA MET A 745 32.34 17.61 37.10
C MET A 745 33.04 16.93 35.93
N LEU A 746 33.67 17.71 35.05
CA LEU A 746 34.42 17.15 33.93
C LEU A 746 35.70 16.47 34.37
N THR A 747 36.09 16.61 35.64
CA THR A 747 37.27 15.90 36.13
C THR A 747 37.11 14.39 36.02
N GLN A 748 35.88 13.90 36.09
CA GLN A 748 35.59 12.47 35.94
C GLN A 748 35.46 12.12 34.45
N LYS A 749 36.57 12.29 33.74
CA LYS A 749 36.56 12.05 32.30
C LYS A 749 36.19 10.60 31.99
N ARG A 750 36.83 9.64 32.66
CA ARG A 750 36.60 8.25 32.32
C ARG A 750 35.15 7.85 32.56
N LEU A 751 34.56 8.32 33.66
CA LEU A 751 33.17 7.98 33.94
C LEU A 751 32.25 8.50 32.85
N ILE A 752 32.48 9.73 32.38
CA ILE A 752 31.58 10.34 31.40
C ILE A 752 31.54 9.51 30.12
N ILE A 753 32.71 9.06 29.65
CA ILE A 753 32.75 8.28 28.42
C ILE A 753 31.98 6.98 28.58
N ILE A 754 32.14 6.31 29.73
CA ILE A 754 31.47 5.03 29.93
C ILE A 754 29.96 5.20 29.84
N ILE A 755 29.44 6.24 30.49
CA ILE A 755 27.98 6.44 30.51
C ILE A 755 27.47 6.69 29.09
N PHE A 756 28.11 7.61 28.37
CA PHE A 756 27.63 7.94 27.03
C PHE A 756 27.88 6.81 26.06
N SER A 757 29.02 6.14 26.17
CA SER A 757 29.30 5.01 25.29
C SER A 757 28.30 3.90 25.51
N ALA A 758 27.90 3.66 26.76
CA ALA A 758 26.83 2.70 27.02
C ALA A 758 25.52 3.18 26.41
N TRP A 759 25.25 4.48 26.49
CA TRP A 759 24.04 5.03 25.88
C TRP A 759 24.03 4.79 24.38
N PHE A 760 25.16 5.03 23.71
CA PHE A 760 25.20 4.87 22.26
C PHE A 760 24.98 3.41 21.86
N PHE A 761 25.65 2.49 22.54
CA PHE A 761 25.51 1.09 22.18
C PHE A 761 24.11 0.57 22.47
N THR A 762 23.51 1.01 23.58
CA THR A 762 22.12 0.64 23.86
C THR A 762 21.20 1.14 22.75
N SER A 763 21.37 2.40 22.35
CA SER A 763 20.52 2.97 21.31
C SER A 763 20.77 2.32 19.95
N LEU A 764 21.90 1.64 19.79
CA LEU A 764 22.24 1.07 18.49
C LEU A 764 21.48 -0.22 18.19
N VAL A 765 20.88 -0.85 19.20
CA VAL A 765 20.13 -2.08 18.99
C VAL A 765 18.63 -1.85 18.84
N PHE A 766 18.14 -0.64 19.11
CA PHE A 766 16.73 -0.34 18.98
C PHE A 766 16.37 0.28 17.64
N LEU A 767 17.35 0.47 16.75
CA LEU A 767 17.06 1.03 15.44
C LEU A 767 16.05 0.20 14.66
N PRO A 768 16.15 -1.13 14.58
CA PRO A 768 15.20 -1.88 13.73
C PRO A 768 13.76 -1.76 14.17
N GLU A 769 13.47 -1.17 15.33
CA GLU A 769 12.12 -0.99 15.80
C GLU A 769 11.50 0.33 15.35
N ILE A 770 12.19 1.11 14.52
CA ILE A 770 11.63 2.36 14.03
C ILE A 770 10.52 2.06 13.03
N GLN A 771 9.33 2.59 13.31
CA GLN A 771 8.18 2.31 12.46
C GLN A 771 8.30 3.04 11.13
N PHE A 772 7.45 2.66 10.19
CA PHE A 772 7.38 3.28 8.87
C PHE A 772 5.96 3.80 8.63
N GLY A 773 5.86 4.91 7.92
CA GLY A 773 4.57 5.44 7.52
C GLY A 773 4.23 6.78 8.12
N LEU A 774 3.43 7.55 7.40
CA LEU A 774 2.94 8.85 7.85
C LEU A 774 1.42 8.76 7.99
N ASP A 775 0.92 8.85 9.21
CA ASP A 775 -0.50 8.73 9.45
C ASP A 775 -1.25 9.91 8.84
N GLN A 776 -2.44 9.63 8.30
CA GLN A 776 -3.23 10.69 7.68
C GLN A 776 -3.70 11.70 8.72
N THR A 777 -4.17 11.23 9.87
CA THR A 777 -4.77 12.14 10.85
C THR A 777 -3.79 13.22 11.27
N LEU A 778 -2.50 12.96 11.16
CA LEU A 778 -1.53 14.01 11.48
C LEU A 778 -1.56 15.13 10.45
N ALA A 779 -1.62 14.77 9.16
CA ALA A 779 -1.50 15.78 8.11
C ALA A 779 -2.62 16.80 8.19
N VAL A 780 -3.88 16.33 8.23
CA VAL A 780 -5.03 17.23 8.27
C VAL A 780 -5.07 17.89 9.64
N PRO A 781 -5.63 19.09 9.75
CA PRO A 781 -5.76 19.71 11.08
C PRO A 781 -6.67 18.89 11.97
N GLN A 782 -6.34 18.87 13.26
CA GLN A 782 -7.25 18.28 14.23
C GLN A 782 -8.55 19.08 14.26
N ASP A 783 -9.55 18.55 14.95
CA ASP A 783 -10.87 19.16 14.97
C ASP A 783 -11.40 19.35 13.54
N SER A 784 -11.17 18.34 12.70
CA SER A 784 -11.62 18.32 11.32
C SER A 784 -12.58 17.15 11.12
N TYR A 785 -13.24 17.16 9.96
CA TYR A 785 -14.16 16.09 9.60
C TYR A 785 -13.48 14.97 8.83
N LEU A 786 -12.19 15.08 8.56
CA LEU A 786 -11.44 13.99 7.94
C LEU A 786 -10.81 13.08 8.98
N VAL A 787 -10.46 13.61 10.16
CA VAL A 787 -9.92 12.76 11.21
C VAL A 787 -10.97 11.76 11.66
N ASP A 788 -12.23 12.20 11.79
CA ASP A 788 -13.30 11.27 12.10
C ASP A 788 -13.43 10.21 11.03
N TYR A 789 -13.39 10.62 9.76
CA TYR A 789 -13.53 9.66 8.68
C TYR A 789 -12.39 8.65 8.68
N PHE A 790 -11.16 9.12 8.81
CA PHE A 790 -10.02 8.21 8.78
C PHE A 790 -10.09 7.21 9.92
N LYS A 791 -10.46 7.66 11.12
CA LYS A 791 -10.69 6.74 12.22
C LYS A 791 -11.88 5.82 11.95
N ASP A 792 -12.75 6.19 11.01
CA ASP A 792 -13.90 5.35 10.69
C ASP A 792 -13.59 4.33 9.60
N VAL A 793 -12.71 4.66 8.67
CA VAL A 793 -12.34 3.71 7.63
C VAL A 793 -11.56 2.54 8.23
N TYR A 794 -10.67 2.83 9.18
CA TYR A 794 -9.85 1.79 9.79
C TYR A 794 -10.65 0.84 10.67
N SER A 795 -11.92 1.14 10.97
CA SER A 795 -12.67 0.32 11.92
C SER A 795 -14.00 -0.17 11.35
N PHE A 796 -14.66 0.64 10.51
CA PHE A 796 -15.99 0.31 10.01
C PHE A 796 -16.00 0.03 8.50
N LEU A 797 -14.89 -0.44 7.95
CA LEU A 797 -14.83 -0.81 6.55
C LEU A 797 -14.33 -2.24 6.43
N ASN A 798 -14.83 -2.97 5.44
CA ASN A 798 -14.50 -4.37 5.25
C ASN A 798 -14.05 -4.69 3.84
N VAL A 799 -13.86 -3.69 2.98
CA VAL A 799 -13.43 -3.90 1.61
C VAL A 799 -12.20 -3.03 1.35
N GLY A 800 -11.19 -3.62 0.71
CA GLY A 800 -9.95 -2.92 0.46
C GLY A 800 -9.94 -2.24 -0.90
N PRO A 801 -8.86 -1.51 -1.19
CA PRO A 801 -8.78 -0.85 -2.48
C PRO A 801 -8.75 -1.86 -3.60
N PRO A 802 -9.28 -1.51 -4.77
CA PRO A 802 -9.17 -2.40 -5.92
C PRO A 802 -7.80 -2.32 -6.57
N VAL A 803 -7.40 -3.42 -7.20
CA VAL A 803 -6.15 -3.49 -7.95
C VAL A 803 -6.47 -4.02 -9.34
N TYR A 804 -5.98 -3.31 -10.35
CA TYR A 804 -6.22 -3.63 -11.75
C TYR A 804 -4.92 -4.18 -12.34
N MET A 805 -4.88 -5.49 -12.58
CA MET A 805 -3.67 -6.12 -13.12
C MET A 805 -3.62 -5.87 -14.62
N VAL A 806 -3.15 -4.69 -15.00
CA VAL A 806 -3.08 -4.31 -16.40
C VAL A 806 -2.14 -5.25 -17.15
N VAL A 807 -2.45 -5.50 -18.41
CA VAL A 807 -1.63 -6.32 -19.29
C VAL A 807 -1.51 -5.60 -20.63
N LYS A 808 -0.30 -5.54 -21.18
CA LYS A 808 -0.01 -4.77 -22.37
C LYS A 808 0.68 -5.63 -23.41
N ASN A 809 0.53 -5.22 -24.68
CA ASN A 809 1.23 -5.85 -25.79
C ASN A 809 1.19 -7.36 -25.70
N LEU A 810 -0.01 -7.91 -25.71
CA LEU A 810 -0.24 -9.34 -25.76
C LEU A 810 -1.21 -9.63 -26.90
N ASP A 811 -0.84 -10.56 -27.78
CA ASP A 811 -1.65 -10.79 -28.98
C ASP A 811 -3.06 -11.22 -28.60
N LEU A 812 -3.19 -12.16 -27.66
CA LEU A 812 -4.48 -12.70 -27.26
C LEU A 812 -5.30 -13.15 -28.47
N THR A 813 -4.61 -13.46 -29.58
CA THR A 813 -5.24 -14.07 -30.74
C THR A 813 -4.54 -15.35 -31.14
N LYS A 814 -3.54 -15.79 -30.39
CA LYS A 814 -2.83 -17.03 -30.64
C LYS A 814 -3.02 -17.95 -29.44
N ARG A 815 -3.15 -19.25 -29.73
CA ARG A 815 -3.38 -20.21 -28.67
C ARG A 815 -2.27 -20.19 -27.64
N GLN A 816 -1.04 -19.87 -28.05
CA GLN A 816 0.07 -19.82 -27.11
C GLN A 816 -0.13 -18.72 -26.09
N ASN A 817 -0.57 -17.53 -26.53
CA ASN A 817 -0.72 -16.40 -25.63
C ASN A 817 -1.97 -16.54 -24.76
N GLN A 818 -3.06 -17.07 -25.32
CA GLN A 818 -4.28 -17.22 -24.56
C GLN A 818 -4.13 -18.17 -23.39
N GLN A 819 -3.13 -19.06 -23.45
CA GLN A 819 -2.94 -20.05 -22.40
C GLN A 819 -2.22 -19.49 -21.18
N LYS A 820 -1.67 -18.29 -21.27
CA LYS A 820 -1.01 -17.64 -20.14
C LYS A 820 -1.95 -16.77 -19.33
N ILE A 821 -3.23 -16.70 -19.70
CA ILE A 821 -4.22 -15.88 -19.02
C ILE A 821 -5.39 -16.70 -18.48
N CYS A 822 -5.89 -17.64 -19.28
CA CYS A 822 -7.04 -18.42 -18.88
C CYS A 822 -6.73 -19.26 -17.65
N GLY A 823 -7.76 -19.53 -16.85
CA GLY A 823 -7.61 -20.34 -15.66
C GLY A 823 -8.79 -21.24 -15.40
N LYS A 824 -9.59 -21.50 -16.44
CA LYS A 824 -10.77 -22.35 -16.33
C LYS A 824 -10.78 -23.51 -17.32
N PHE A 825 -9.76 -23.63 -18.16
CA PHE A 825 -9.68 -24.69 -19.15
C PHE A 825 -8.47 -25.56 -18.87
N THR A 826 -8.60 -26.84 -19.22
CA THR A 826 -7.60 -27.83 -18.80
C THR A 826 -6.22 -27.50 -19.35
N THR A 827 -6.14 -27.06 -20.59
CA THR A 827 -4.84 -26.88 -21.24
C THR A 827 -4.18 -25.55 -20.90
N CYS A 828 -4.80 -24.73 -20.06
CA CYS A 828 -4.17 -23.47 -19.66
C CYS A 828 -2.84 -23.75 -18.99
N GLU A 829 -1.86 -22.91 -19.28
CA GLU A 829 -0.54 -23.09 -18.68
C GLU A 829 -0.64 -22.99 -17.16
N ARG A 830 0.13 -23.83 -16.47
CA ARG A 830 0.06 -23.89 -15.03
C ARG A 830 0.33 -22.51 -14.41
N ASP A 831 1.37 -21.84 -14.88
CA ASP A 831 1.78 -20.54 -14.33
C ASP A 831 1.04 -19.38 -14.98
N SER A 832 -0.13 -19.61 -15.55
CA SER A 832 -0.88 -18.54 -16.18
C SER A 832 -1.26 -17.48 -15.13
N LEU A 833 -1.73 -16.34 -15.63
CA LEU A 833 -2.06 -15.23 -14.73
C LEU A 833 -3.18 -15.61 -13.78
N ALA A 834 -4.25 -16.20 -14.30
CA ALA A 834 -5.37 -16.56 -13.44
C ALA A 834 -4.96 -17.61 -12.42
N ASN A 835 -4.11 -18.55 -12.82
CA ASN A 835 -3.71 -19.63 -11.92
C ASN A 835 -2.84 -19.10 -10.78
N VAL A 836 -1.84 -18.29 -11.10
CA VAL A 836 -0.94 -17.79 -10.08
C VAL A 836 -1.70 -16.92 -9.09
N LEU A 837 -2.52 -16.00 -9.59
CA LEU A 837 -3.26 -15.11 -8.70
C LEU A 837 -4.22 -15.89 -7.82
N GLU A 838 -4.71 -17.03 -8.30
CA GLU A 838 -5.59 -17.86 -7.47
C GLU A 838 -4.88 -18.32 -6.21
N GLN A 839 -3.62 -18.74 -6.34
CA GLN A 839 -2.88 -19.22 -5.18
C GLN A 839 -2.42 -18.07 -4.29
N GLU A 840 -2.13 -16.90 -4.86
CA GLU A 840 -1.72 -15.77 -4.05
C GLU A 840 -2.83 -15.31 -3.12
N ARG A 841 -4.07 -15.71 -3.37
CA ARG A 841 -5.17 -15.28 -2.52
C ARG A 841 -5.01 -15.79 -1.10
N HIS A 842 -4.54 -17.02 -0.95
CA HIS A 842 -4.40 -17.63 0.36
C HIS A 842 -3.07 -17.30 1.02
N ARG A 843 -2.22 -16.50 0.38
CA ARG A 843 -0.88 -16.24 0.89
C ARG A 843 -0.57 -14.75 0.94
N SER A 844 -1.23 -13.96 0.10
CA SER A 844 -0.90 -12.56 -0.09
C SER A 844 -2.00 -11.67 0.46
N THR A 845 -1.84 -10.37 0.25
CA THR A 845 -2.85 -9.40 0.63
C THR A 845 -3.94 -9.26 -0.42
N ILE A 846 -3.67 -9.62 -1.67
CA ILE A 846 -4.67 -9.59 -2.73
C ILE A 846 -5.55 -10.82 -2.61
N THR A 847 -6.65 -10.69 -1.89
CA THR A 847 -7.46 -11.85 -1.53
C THR A 847 -8.91 -11.71 -2.00
N GLU A 848 -9.11 -11.31 -3.25
CA GLU A 848 -10.45 -11.24 -3.80
C GLU A 848 -10.47 -11.90 -5.17
N PRO A 849 -11.62 -12.45 -5.58
CA PRO A 849 -11.66 -13.20 -6.84
C PRO A 849 -11.28 -12.32 -8.02
N LEU A 850 -10.60 -12.92 -8.99
CA LEU A 850 -10.14 -12.22 -10.18
C LEU A 850 -11.27 -12.15 -11.19
N ALA A 851 -11.49 -10.96 -11.74
CA ALA A 851 -12.52 -10.76 -12.77
C ALA A 851 -11.93 -11.01 -14.16
N ASN A 852 -11.56 -12.25 -14.41
CA ASN A 852 -10.96 -12.63 -15.67
C ASN A 852 -11.94 -12.44 -16.81
N TRP A 853 -11.68 -11.49 -17.70
CA TRP A 853 -12.57 -11.28 -18.84
C TRP A 853 -12.37 -12.36 -19.89
N LEU A 854 -11.13 -12.84 -20.07
CA LEU A 854 -10.88 -13.83 -21.10
C LEU A 854 -11.64 -15.12 -20.84
N ASP A 855 -11.66 -15.57 -19.58
CA ASP A 855 -12.40 -16.78 -19.26
C ASP A 855 -13.88 -16.60 -19.58
N ASP A 856 -14.45 -15.46 -19.20
CA ASP A 856 -15.86 -15.21 -19.48
C ASP A 856 -16.12 -15.16 -20.98
N TYR A 857 -15.20 -14.56 -21.74
CA TYR A 857 -15.41 -14.45 -23.18
C TYR A 857 -15.52 -15.83 -23.82
N PHE A 858 -14.64 -16.76 -23.43
CA PHE A 858 -14.69 -18.09 -24.01
C PHE A 858 -15.95 -18.83 -23.58
N MET A 859 -16.25 -18.83 -22.28
CA MET A 859 -17.46 -19.48 -21.81
C MET A 859 -18.70 -18.89 -22.47
N PHE A 860 -18.65 -17.62 -22.87
CA PHE A 860 -19.79 -17.02 -23.56
C PHE A 860 -20.10 -17.75 -24.86
N LEU A 861 -19.10 -18.35 -25.49
CA LEU A 861 -19.29 -19.10 -26.71
C LEU A 861 -19.73 -20.53 -26.48
N ASN A 862 -19.92 -20.94 -25.24
CA ASN A 862 -20.26 -22.32 -24.95
C ASN A 862 -21.55 -22.69 -25.66
N PRO A 863 -21.57 -23.74 -26.47
CA PRO A 863 -22.83 -24.15 -27.12
C PRO A 863 -23.92 -24.50 -26.13
N GLN A 864 -23.57 -24.88 -24.90
CA GLN A 864 -24.60 -25.21 -23.92
C GLN A 864 -25.49 -24.00 -23.65
N ASN A 865 -24.90 -22.82 -23.53
CA ASN A 865 -25.66 -21.59 -23.28
C ASN A 865 -26.18 -21.09 -24.62
N ASP A 866 -27.39 -21.54 -24.99
CA ASP A 866 -27.94 -21.17 -26.28
C ASP A 866 -28.40 -19.71 -26.34
N GLN A 867 -28.65 -19.10 -25.19
CA GLN A 867 -29.11 -17.71 -25.17
C GLN A 867 -27.94 -16.71 -25.21
N CYS A 868 -26.71 -17.17 -25.08
CA CYS A 868 -25.57 -16.26 -25.05
C CYS A 868 -25.14 -15.87 -26.46
N CYS A 869 -24.69 -16.83 -27.25
CA CYS A 869 -24.20 -16.59 -28.60
C CYS A 869 -25.24 -17.12 -29.59
N ARG A 870 -25.75 -16.24 -30.44
CA ARG A 870 -26.75 -16.61 -31.43
C ARG A 870 -26.41 -15.94 -32.75
N LEU A 871 -26.53 -16.71 -33.83
CA LEU A 871 -26.27 -16.23 -35.18
C LEU A 871 -27.42 -16.63 -36.09
N LYS A 872 -27.83 -15.73 -36.97
CA LYS A 872 -28.84 -16.06 -37.95
C LYS A 872 -28.31 -17.14 -38.89
N LYS A 873 -29.14 -18.17 -39.13
CA LYS A 873 -28.68 -19.32 -39.89
C LYS A 873 -28.19 -18.88 -41.26
N GLY A 874 -27.00 -19.35 -41.63
CA GLY A 874 -26.41 -19.03 -42.91
C GLY A 874 -25.77 -17.67 -42.99
N THR A 875 -25.78 -16.89 -41.91
CA THR A 875 -25.24 -15.54 -41.90
C THR A 875 -24.48 -15.32 -40.60
N ASP A 876 -23.50 -14.42 -40.68
CA ASP A 876 -22.69 -14.06 -39.52
C ASP A 876 -23.30 -12.91 -38.72
N GLU A 877 -24.39 -12.31 -39.18
CA GLU A 877 -25.05 -11.27 -38.41
C GLU A 877 -25.53 -11.82 -37.08
N VAL A 878 -25.26 -11.07 -36.01
CA VAL A 878 -25.68 -11.51 -34.68
C VAL A 878 -27.20 -11.48 -34.60
N CYS A 879 -27.79 -12.56 -34.11
CA CYS A 879 -29.23 -12.66 -34.02
C CYS A 879 -29.76 -11.67 -32.99
N PRO A 880 -30.67 -10.75 -33.36
CA PRO A 880 -31.18 -9.81 -32.37
C PRO A 880 -31.96 -10.52 -31.28
N PRO A 881 -31.99 -9.98 -30.07
CA PRO A 881 -32.74 -10.66 -29.00
C PRO A 881 -34.22 -10.81 -29.30
N SER A 882 -34.78 -9.97 -30.17
CA SER A 882 -36.21 -10.01 -30.43
C SER A 882 -36.65 -11.37 -30.98
N PHE A 883 -35.90 -11.90 -31.95
CA PHE A 883 -36.28 -13.16 -32.60
C PHE A 883 -36.40 -14.27 -31.56
N PRO A 884 -37.61 -14.73 -31.22
CA PRO A 884 -37.75 -15.81 -30.25
C PRO A 884 -37.79 -17.21 -30.84
N SER A 885 -37.92 -17.32 -32.16
CA SER A 885 -38.05 -18.62 -32.80
C SER A 885 -36.67 -19.25 -32.99
N ARG A 886 -36.65 -20.44 -33.58
CA ARG A 886 -35.41 -21.18 -33.82
C ARG A 886 -34.85 -20.87 -35.21
N ARG A 887 -34.74 -19.58 -35.52
CA ARG A 887 -34.16 -19.13 -36.79
C ARG A 887 -32.69 -18.77 -36.67
N CYS A 888 -32.10 -18.93 -35.49
CA CYS A 888 -30.70 -18.64 -35.25
C CYS A 888 -30.08 -19.76 -34.44
N GLU A 889 -28.84 -20.11 -34.77
CA GLU A 889 -28.13 -21.20 -34.11
C GLU A 889 -26.97 -20.65 -33.30
N THR A 890 -26.47 -21.48 -32.39
CA THR A 890 -25.35 -21.09 -31.55
C THR A 890 -24.11 -20.86 -32.40
N CYS A 891 -23.25 -19.96 -31.94
CA CYS A 891 -22.07 -19.61 -32.71
C CYS A 891 -21.17 -20.82 -32.93
N PHE A 892 -21.01 -21.65 -31.90
CA PHE A 892 -20.18 -22.84 -31.95
C PHE A 892 -21.05 -24.08 -31.88
N GLN A 893 -20.77 -25.05 -32.75
CA GLN A 893 -21.49 -26.30 -32.73
C GLN A 893 -21.11 -27.11 -31.49
N GLN A 894 -21.92 -28.13 -31.20
CA GLN A 894 -21.69 -28.91 -29.98
C GLN A 894 -20.33 -29.58 -30.00
N GLY A 895 -19.91 -30.08 -31.16
CA GLY A 895 -18.63 -30.75 -31.27
C GLY A 895 -17.43 -29.84 -31.46
N SER A 896 -17.64 -28.53 -31.52
CA SER A 896 -16.54 -27.59 -31.76
C SER A 896 -16.01 -26.96 -30.48
N TRP A 897 -16.73 -27.03 -29.37
CA TRP A 897 -16.34 -26.41 -28.11
C TRP A 897 -16.00 -27.51 -27.12
N ASN A 898 -14.71 -27.63 -26.78
CA ASN A 898 -14.24 -28.60 -25.81
C ASN A 898 -13.45 -27.87 -24.73
N TYR A 899 -13.48 -28.42 -23.53
CA TYR A 899 -12.84 -27.78 -22.38
C TYR A 899 -11.32 -27.76 -22.50
N ASN A 900 -10.74 -28.49 -23.43
CA ASN A 900 -9.30 -28.46 -23.65
C ASN A 900 -8.89 -27.41 -24.67
N MET A 901 -9.77 -26.45 -24.96
CA MET A 901 -9.49 -25.37 -25.91
C MET A 901 -9.02 -25.95 -27.24
N SER A 902 -9.89 -26.77 -27.83
CA SER A 902 -9.59 -27.39 -29.11
C SER A 902 -9.89 -26.46 -30.28
N GLY A 903 -11.16 -26.08 -30.43
CA GLY A 903 -11.59 -25.29 -31.57
C GLY A 903 -11.89 -23.85 -31.19
N PHE A 904 -11.28 -23.37 -30.12
CA PHE A 904 -11.55 -22.04 -29.64
C PHE A 904 -11.11 -21.00 -30.66
N PRO A 905 -11.67 -19.78 -30.59
CA PRO A 905 -11.30 -18.75 -31.56
C PRO A 905 -9.80 -18.51 -31.57
N GLU A 906 -9.26 -18.29 -32.76
CA GLU A 906 -7.83 -18.10 -32.93
C GLU A 906 -7.60 -17.16 -34.11
N GLY A 907 -6.47 -16.48 -34.09
CA GLY A 907 -6.15 -15.58 -35.19
C GLY A 907 -7.23 -14.54 -35.38
N LYS A 908 -7.70 -14.41 -36.62
CA LYS A 908 -8.72 -13.40 -36.93
C LYS A 908 -10.02 -13.69 -36.21
N ASP A 909 -10.41 -14.96 -36.12
CA ASP A 909 -11.71 -15.30 -35.55
C ASP A 909 -11.86 -14.76 -34.14
N PHE A 910 -10.77 -14.64 -33.38
CA PHE A 910 -10.87 -14.18 -32.01
C PHE A 910 -11.55 -12.81 -31.94
N MET A 911 -11.14 -11.89 -32.81
CA MET A 911 -11.71 -10.55 -32.79
C MET A 911 -13.12 -10.51 -33.37
N GLU A 912 -13.42 -11.39 -34.33
CA GLU A 912 -14.75 -11.37 -34.94
C GLU A 912 -15.83 -11.65 -33.90
N TYR A 913 -15.62 -12.65 -33.04
CA TYR A 913 -16.58 -12.97 -32.01
C TYR A 913 -16.43 -12.11 -30.76
N LEU A 914 -15.31 -11.40 -30.61
CA LEU A 914 -15.17 -10.51 -29.46
C LEU A 914 -16.13 -9.34 -29.55
N SER A 915 -16.43 -8.88 -30.77
CA SER A 915 -17.39 -7.78 -30.91
C SER A 915 -18.76 -8.20 -30.43
N ILE A 916 -19.16 -9.44 -30.69
CA ILE A 916 -20.48 -9.91 -30.25
C ILE A 916 -20.53 -10.01 -28.73
N TRP A 917 -19.50 -10.61 -28.13
CA TRP A 917 -19.52 -10.79 -26.68
C TRP A 917 -19.51 -9.46 -25.96
N ILE A 918 -18.68 -8.52 -26.40
CA ILE A 918 -18.55 -7.24 -25.71
C ILE A 918 -19.81 -6.40 -25.84
N ASN A 919 -20.63 -6.66 -26.86
CA ASN A 919 -21.85 -5.89 -27.09
C ASN A 919 -23.11 -6.67 -26.71
N ALA A 920 -22.96 -7.78 -26.00
CA ALA A 920 -24.11 -8.60 -25.67
C ALA A 920 -25.06 -7.84 -24.73
N PRO A 921 -26.36 -8.08 -24.83
CA PRO A 921 -27.29 -7.37 -23.95
C PRO A 921 -27.03 -7.60 -22.47
N SER A 922 -26.60 -8.80 -22.11
CA SER A 922 -26.31 -9.24 -20.74
C SER A 922 -27.56 -9.56 -19.94
N ASP A 923 -28.75 -9.27 -20.47
CA ASP A 923 -29.97 -9.56 -19.72
C ASP A 923 -30.32 -11.04 -19.77
N PRO A 924 -30.45 -11.65 -20.95
CA PRO A 924 -30.78 -13.08 -20.97
C PRO A 924 -29.61 -13.97 -20.57
N CYS A 925 -28.41 -13.68 -21.07
CA CYS A 925 -27.25 -14.48 -20.77
C CYS A 925 -26.43 -13.78 -19.70
N PRO A 926 -26.28 -14.34 -18.50
CA PRO A 926 -25.52 -13.64 -17.45
C PRO A 926 -24.07 -13.41 -17.80
N LEU A 927 -23.52 -14.12 -18.78
CA LEU A 927 -22.13 -13.98 -19.17
C LEU A 927 -21.90 -12.89 -20.20
N GLY A 928 -22.95 -12.15 -20.59
CA GLY A 928 -22.77 -11.05 -21.50
C GLY A 928 -21.76 -10.05 -20.95
N GLY A 929 -20.76 -9.72 -21.74
CA GLY A 929 -19.65 -8.91 -21.28
C GLY A 929 -19.79 -7.42 -21.48
N ARG A 930 -20.92 -6.93 -21.99
CA ARG A 930 -21.04 -5.50 -22.22
C ARG A 930 -21.07 -4.73 -20.91
N ALA A 931 -21.94 -5.13 -19.98
CA ALA A 931 -22.06 -4.39 -18.73
C ALA A 931 -20.78 -4.44 -17.90
N PRO A 932 -20.21 -5.61 -17.60
CA PRO A 932 -19.06 -5.63 -16.69
C PRO A 932 -17.74 -5.19 -17.32
N TYR A 933 -17.50 -5.55 -18.57
CA TYR A 933 -16.21 -5.33 -19.23
C TYR A 933 -16.32 -4.34 -20.37
N SER A 934 -17.18 -3.34 -20.24
CA SER A 934 -17.29 -2.33 -21.29
C SER A 934 -15.98 -1.58 -21.47
N THR A 935 -15.33 -1.21 -20.36
CA THR A 935 -14.11 -0.42 -20.38
C THR A 935 -12.92 -1.19 -19.81
N ALA A 936 -12.88 -2.51 -20.05
CA ALA A 936 -11.76 -3.34 -19.63
C ALA A 936 -10.91 -3.79 -20.80
N LEU A 937 -11.23 -3.39 -22.02
CA LEU A 937 -10.50 -3.80 -23.21
C LEU A 937 -10.13 -2.58 -24.03
N VAL A 938 -9.08 -2.72 -24.83
CA VAL A 938 -8.64 -1.69 -25.76
C VAL A 938 -8.31 -2.41 -27.07
N TYR A 939 -9.24 -2.38 -28.02
CA TYR A 939 -9.13 -3.17 -29.23
C TYR A 939 -9.45 -2.32 -30.45
N ASN A 940 -8.93 -2.76 -31.59
CA ASN A 940 -9.11 -2.08 -32.88
C ASN A 940 -9.43 -3.10 -33.97
N GLU A 941 -10.32 -4.05 -33.66
CA GLU A 941 -10.82 -5.02 -34.63
C GLU A 941 -9.70 -5.78 -35.33
N THR A 942 -8.49 -5.76 -34.78
CA THR A 942 -7.41 -6.58 -35.29
C THR A 942 -6.63 -7.26 -34.16
N SER A 943 -6.63 -6.64 -32.97
CA SER A 943 -5.95 -7.19 -31.81
C SER A 943 -6.42 -6.43 -30.58
N VAL A 944 -6.13 -7.00 -29.42
CA VAL A 944 -6.48 -6.39 -28.14
C VAL A 944 -5.22 -5.74 -27.58
N SER A 945 -5.17 -4.41 -27.63
CA SER A 945 -3.97 -3.70 -27.22
C SER A 945 -3.67 -3.91 -25.74
N ALA A 946 -4.69 -3.82 -24.89
CA ALA A 946 -4.49 -3.90 -23.45
C ALA A 946 -5.77 -4.40 -22.80
N SER A 947 -5.64 -4.84 -21.56
CA SER A 947 -6.79 -5.35 -20.82
C SER A 947 -6.51 -5.25 -19.33
N VAL A 948 -7.57 -5.39 -18.54
CA VAL A 948 -7.51 -5.17 -17.10
C VAL A 948 -8.23 -6.31 -16.38
N PHE A 949 -7.56 -6.91 -15.41
CA PHE A 949 -8.13 -7.96 -14.57
C PHE A 949 -8.24 -7.41 -13.15
N ARG A 950 -9.46 -7.11 -12.72
CA ARG A 950 -9.67 -6.42 -11.45
C ARG A 950 -9.61 -7.39 -10.28
N THR A 951 -8.93 -6.98 -9.21
CA THR A 951 -8.92 -7.71 -7.95
C THR A 951 -9.05 -6.69 -6.82
N ALA A 952 -8.76 -7.09 -5.58
CA ALA A 952 -8.77 -6.12 -4.50
C ALA A 952 -8.10 -6.72 -3.28
N HIS A 953 -7.53 -5.84 -2.45
CA HIS A 953 -6.85 -6.25 -1.23
C HIS A 953 -7.88 -6.52 -0.14
N HIS A 954 -7.41 -6.75 1.08
CA HIS A 954 -8.25 -6.84 2.26
C HIS A 954 -8.25 -5.50 2.98
N PRO A 955 -9.14 -5.31 3.97
CA PRO A 955 -9.47 -3.94 4.42
C PRO A 955 -8.30 -2.98 4.60
N LEU A 956 -7.09 -3.44 4.89
CA LEU A 956 -5.94 -2.55 5.07
C LEU A 956 -6.19 -1.54 6.20
N ARG A 957 -6.26 -2.08 7.43
CA ARG A 957 -6.66 -1.31 8.59
C ARG A 957 -5.50 -0.53 9.24
N SER A 958 -4.40 -0.27 8.55
CA SER A 958 -3.31 0.49 9.15
C SER A 958 -2.29 0.83 8.09
N GLN A 959 -1.28 1.62 8.49
CA GLN A 959 -0.21 1.98 7.57
C GLN A 959 0.83 0.89 7.43
N LYS A 960 0.86 -0.07 8.34
CA LYS A 960 1.70 -1.25 8.13
C LYS A 960 1.10 -2.14 7.06
N ASP A 961 -0.23 -2.17 6.94
CA ASP A 961 -0.87 -2.93 5.87
C ASP A 961 -0.73 -2.21 4.53
N PHE A 962 -0.78 -0.87 4.54
CA PHE A 962 -0.65 -0.12 3.29
C PHE A 962 0.71 -0.36 2.65
N ILE A 963 1.77 -0.35 3.46
CA ILE A 963 3.11 -0.60 2.93
C ILE A 963 3.23 -2.03 2.45
N GLN A 964 2.76 -2.98 3.27
CA GLN A 964 2.82 -4.39 2.89
C GLN A 964 2.01 -4.66 1.64
N ALA A 965 0.80 -4.10 1.57
CA ALA A 965 -0.03 -4.30 0.39
C ALA A 965 0.65 -3.79 -0.86
N TYR A 966 1.37 -2.67 -0.75
CA TYR A 966 2.06 -2.14 -1.92
C TYR A 966 3.08 -3.13 -2.46
N SER A 967 3.87 -3.74 -1.59
CA SER A 967 4.88 -4.69 -2.06
C SER A 967 4.24 -5.93 -2.64
N ASP A 968 3.05 -6.31 -2.16
CA ASP A 968 2.36 -7.47 -2.75
C ASP A 968 2.01 -7.20 -4.20
N GLY A 969 1.57 -5.98 -4.52
CA GLY A 969 1.28 -5.63 -5.89
C GLY A 969 2.51 -5.48 -6.75
N VAL A 970 3.66 -5.21 -6.14
CA VAL A 970 4.90 -5.12 -6.90
C VAL A 970 5.60 -6.48 -7.01
N ARG A 971 5.45 -7.34 -6.02
CA ARG A 971 6.02 -8.67 -6.11
C ARG A 971 5.31 -9.50 -7.18
N ILE A 972 3.97 -9.52 -7.13
CA ILE A 972 3.22 -10.33 -8.08
C ILE A 972 3.47 -9.86 -9.50
N SER A 973 3.44 -8.55 -9.72
CA SER A 973 3.67 -8.01 -11.05
C SER A 973 5.05 -8.35 -11.59
N SER A 974 5.99 -8.71 -10.71
CA SER A 974 7.32 -9.12 -11.12
C SER A 974 7.48 -10.63 -11.22
N SER A 975 6.41 -11.39 -11.01
CA SER A 975 6.45 -12.85 -11.08
C SER A 975 6.08 -13.38 -12.46
N PHE A 976 5.90 -12.51 -13.45
CA PHE A 976 5.51 -12.91 -14.80
C PHE A 976 6.50 -12.30 -15.78
N PRO A 977 7.65 -12.95 -15.97
CA PRO A 977 8.68 -12.37 -16.86
C PRO A 977 8.22 -12.23 -18.30
N GLU A 978 7.19 -12.96 -18.73
CA GLU A 978 6.75 -12.89 -20.11
C GLU A 978 5.72 -11.79 -20.32
N LEU A 979 4.69 -11.76 -19.49
CA LEU A 979 3.63 -10.77 -19.64
C LEU A 979 4.15 -9.37 -19.34
N ASP A 980 3.73 -8.40 -20.17
CA ASP A 980 4.06 -7.00 -19.96
C ASP A 980 2.99 -6.39 -19.07
N MET A 981 3.08 -6.69 -17.77
CA MET A 981 2.01 -6.41 -16.83
C MET A 981 2.50 -5.45 -15.74
N PHE A 982 1.53 -4.74 -15.15
CA PHE A 982 1.77 -4.01 -13.92
C PHE A 982 0.44 -3.89 -13.18
N ALA A 983 0.53 -3.80 -11.86
CA ALA A 983 -0.64 -3.72 -11.00
C ALA A 983 -0.86 -2.27 -10.57
N TYR A 984 -2.10 -1.81 -10.63
CA TYR A 984 -2.43 -0.42 -10.33
C TYR A 984 -3.54 -0.38 -9.29
N SER A 985 -3.23 0.13 -8.11
CA SER A 985 -4.23 0.48 -7.13
C SER A 985 -4.18 1.98 -6.88
N PRO A 986 -5.30 2.61 -6.51
CA PRO A 986 -5.30 4.08 -6.39
C PRO A 986 -4.24 4.62 -5.43
N PHE A 987 -3.94 3.90 -4.36
CA PHE A 987 -3.07 4.42 -3.30
C PHE A 987 -1.60 4.06 -3.49
N TYR A 988 -1.25 3.36 -4.57
CA TYR A 988 0.15 2.93 -4.73
C TYR A 988 1.08 4.12 -4.85
N ILE A 989 0.65 5.18 -5.54
CA ILE A 989 1.56 6.28 -5.84
C ILE A 989 2.02 6.95 -4.55
N PHE A 990 1.16 7.01 -3.54
CA PHE A 990 1.51 7.71 -2.30
C PHE A 990 2.49 6.90 -1.46
N PHE A 991 2.45 5.58 -1.55
CA PHE A 991 3.29 4.70 -0.73
C PHE A 991 4.47 4.14 -1.51
N VAL A 992 5.03 4.93 -2.42
CA VAL A 992 6.16 4.47 -3.22
C VAL A 992 7.51 4.70 -2.55
N GLN A 993 7.56 5.55 -1.53
CA GLN A 993 8.83 5.83 -0.86
C GLN A 993 9.24 4.71 0.09
N TYR A 994 8.27 4.04 0.73
CA TYR A 994 8.60 3.05 1.74
C TYR A 994 9.21 1.78 1.16
N GLN A 995 9.18 1.62 -0.15
CA GLN A 995 9.78 0.42 -0.75
C GLN A 995 11.28 0.37 -0.46
N THR A 996 11.96 1.51 -0.59
CA THR A 996 13.40 1.57 -0.41
C THR A 996 13.80 2.70 0.53
N LEU A 997 12.94 3.02 1.50
CA LEU A 997 13.28 4.07 2.45
C LEU A 997 14.35 3.62 3.43
N GLY A 998 14.45 2.32 3.68
CA GLY A 998 15.45 1.79 4.57
C GLY A 998 16.86 1.99 4.04
N PRO A 999 17.14 1.45 2.86
CA PRO A 999 18.46 1.69 2.26
C PRO A 999 18.75 3.15 2.03
N LEU A 1000 17.74 3.94 1.68
CA LEU A 1000 17.99 5.35 1.37
C LEU A 1000 18.39 6.13 2.62
N THR A 1001 17.70 5.91 3.73
CA THR A 1001 17.99 6.69 4.92
C THR A 1001 19.35 6.37 5.51
N LEU A 1002 20.02 5.31 5.03
CA LEU A 1002 21.39 5.04 5.42
C LEU A 1002 22.39 5.65 4.46
N LYS A 1003 22.09 5.65 3.16
CA LYS A 1003 22.98 6.30 2.21
C LYS A 1003 23.06 7.80 2.46
N LEU A 1004 21.91 8.45 2.63
CA LEU A 1004 21.89 9.89 2.81
C LEU A 1004 22.54 10.29 4.13
N ILE A 1005 22.11 9.67 5.23
CA ILE A 1005 22.69 10.01 6.53
C ILE A 1005 24.13 9.54 6.60
N GLY A 1006 24.42 8.36 6.05
CA GLY A 1006 25.80 7.90 6.00
C GLY A 1006 26.68 8.80 5.14
N SER A 1007 26.16 9.27 4.01
CA SER A 1007 26.92 10.15 3.14
C SER A 1007 27.18 11.49 3.81
N ALA A 1008 26.24 11.96 4.62
CA ALA A 1008 26.43 13.23 5.31
C ALA A 1008 27.60 13.15 6.28
N ILE A 1009 27.69 12.07 7.05
CA ILE A 1009 28.75 11.95 8.04
C ILE A 1009 30.11 11.94 7.35
N ILE A 1010 30.23 11.19 6.25
CA ILE A 1010 31.49 11.19 5.50
C ILE A 1010 31.79 12.58 4.97
N LEU A 1011 30.76 13.30 4.54
CA LEU A 1011 30.98 14.66 4.06
C LEU A 1011 31.51 15.56 5.17
N ILE A 1012 30.97 15.43 6.39
CA ILE A 1012 31.45 16.25 7.49
C ILE A 1012 32.91 15.97 7.79
N PHE A 1013 33.30 14.69 7.75
CA PHE A 1013 34.68 14.33 8.02
C PHE A 1013 35.63 14.91 6.98
N PHE A 1014 35.14 15.31 5.82
CA PHE A 1014 36.00 15.84 4.77
C PHE A 1014 36.12 17.36 4.85
N ILE A 1015 35.00 18.08 4.92
CA ILE A 1015 35.07 19.52 5.03
C ILE A 1015 35.72 19.92 6.35
N SER A 1016 35.37 19.24 7.44
CA SER A 1016 35.99 19.55 8.72
C SER A 1016 37.49 19.27 8.67
N SER A 1017 37.90 18.19 8.02
CA SER A 1017 39.32 17.86 7.96
C SER A 1017 40.11 18.99 7.31
N VAL A 1018 39.59 19.55 6.22
CA VAL A 1018 40.30 20.64 5.54
C VAL A 1018 40.36 21.87 6.45
N PHE A 1019 39.24 22.22 7.08
CA PHE A 1019 39.18 23.45 7.86
C PHE A 1019 39.92 23.31 9.18
N LEU A 1020 39.75 22.18 9.87
CA LEU A 1020 40.43 21.98 11.16
C LEU A 1020 41.91 21.75 10.97
N GLN A 1021 42.31 21.07 9.89
CA GLN A 1021 43.70 20.74 9.58
C GLN A 1021 44.25 19.65 10.48
N ASN A 1022 43.42 19.03 11.32
CA ASN A 1022 43.86 18.00 12.26
C ASN A 1022 42.95 16.80 12.12
N ILE A 1023 43.47 15.73 11.51
CA ILE A 1023 42.64 14.55 11.25
C ILE A 1023 42.14 13.94 12.55
N ARG A 1024 43.02 13.82 13.55
CA ARG A 1024 42.61 13.17 14.80
C ARG A 1024 41.49 13.93 15.48
N SER A 1025 41.31 15.21 15.15
CA SER A 1025 40.20 16.00 15.69
C SER A 1025 38.96 15.92 14.81
N SER A 1026 39.14 15.95 13.48
CA SER A 1026 37.99 15.82 12.60
C SER A 1026 37.31 14.47 12.77
N PHE A 1027 38.10 13.41 12.94
CA PHE A 1027 37.50 12.09 13.15
C PHE A 1027 36.69 12.07 14.44
N LEU A 1028 37.19 12.70 15.50
CA LEU A 1028 36.41 12.76 16.73
C LEU A 1028 35.11 13.53 16.52
N LEU A 1029 35.16 14.61 15.75
CA LEU A 1029 33.93 15.34 15.44
C LEU A 1029 32.93 14.45 14.72
N ALA A 1030 33.40 13.69 13.73
CA ALA A 1030 32.51 12.79 13.01
C ALA A 1030 32.02 11.66 13.91
N LEU A 1031 32.86 11.21 14.84
CA LEU A 1031 32.45 10.12 15.73
C LEU A 1031 31.38 10.56 16.71
N VAL A 1032 31.30 11.86 17.01
CA VAL A 1032 30.28 12.35 17.93
C VAL A 1032 29.00 12.71 17.18
N VAL A 1033 29.12 13.23 15.96
CA VAL A 1033 27.92 13.51 15.17
C VAL A 1033 27.19 12.22 14.84
N THR A 1034 27.93 11.18 14.45
CA THR A 1034 27.32 9.89 14.22
C THR A 1034 26.78 9.29 15.52
N MET A 1035 27.43 9.59 16.65
CA MET A 1035 26.92 9.15 17.93
C MET A 1035 25.57 9.79 18.24
N ILE A 1036 25.42 11.08 17.91
CA ILE A 1036 24.16 11.76 18.18
C ILE A 1036 23.04 11.17 17.34
N ILE A 1037 23.31 10.92 16.06
CA ILE A 1037 22.25 10.47 15.15
C ILE A 1037 21.71 9.12 15.61
N VAL A 1038 22.59 8.19 15.96
CA VAL A 1038 22.14 6.88 16.40
C VAL A 1038 21.28 7.02 17.64
N ASP A 1039 21.67 7.89 18.56
CA ASP A 1039 20.86 8.13 19.75
C ASP A 1039 19.51 8.73 19.38
N ILE A 1040 19.48 9.66 18.44
CA ILE A 1040 18.21 10.22 17.99
C ILE A 1040 17.37 9.14 17.31
N GLY A 1041 18.02 8.26 16.55
CA GLY A 1041 17.28 7.20 15.88
C GLY A 1041 16.57 6.28 16.86
N ALA A 1042 17.23 5.94 17.96
CA ALA A 1042 16.60 5.11 18.97
C ALA A 1042 15.45 5.84 19.65
N LEU A 1043 15.69 7.07 20.11
CA LEU A 1043 14.62 7.86 20.71
C LEU A 1043 13.53 8.20 19.71
N MET A 1044 13.84 8.15 18.41
CA MET A 1044 12.80 8.34 17.41
C MET A 1044 11.75 7.25 17.50
N ALA A 1045 12.17 6.00 17.75
CA ALA A 1045 11.22 4.92 17.91
C ALA A 1045 10.49 5.01 19.24
N LEU A 1046 11.22 5.32 20.32
CA LEU A 1046 10.61 5.35 21.64
C LEU A 1046 9.53 6.43 21.73
N LEU A 1047 9.84 7.64 21.26
CA LEU A 1047 8.90 8.74 21.39
C LEU A 1047 7.60 8.47 20.66
N GLY A 1048 7.70 7.92 19.45
CA GLY A 1048 6.52 7.62 18.66
C GLY A 1048 6.56 8.20 17.26
N ILE A 1049 7.70 8.75 16.86
CA ILE A 1049 7.85 9.31 15.53
C ILE A 1049 8.09 8.18 14.54
N SER A 1050 7.61 8.36 13.31
CA SER A 1050 7.80 7.40 12.24
C SER A 1050 8.85 7.93 11.26
N LEU A 1051 9.28 7.05 10.35
CA LEU A 1051 10.31 7.39 9.39
C LEU A 1051 9.66 7.61 8.02
N ASN A 1052 9.60 8.86 7.58
CA ASN A 1052 8.98 9.24 6.32
C ASN A 1052 9.99 10.05 5.53
N ALA A 1053 9.52 10.66 4.43
CA ALA A 1053 10.32 11.67 3.76
C ALA A 1053 10.42 12.93 4.60
N VAL A 1054 9.36 13.28 5.32
CA VAL A 1054 9.41 14.44 6.21
C VAL A 1054 10.40 14.19 7.34
N SER A 1055 10.34 13.00 7.94
CA SER A 1055 11.25 12.71 9.04
C SER A 1055 12.67 12.43 8.54
N LEU A 1056 12.80 11.91 7.32
CA LEU A 1056 14.12 11.64 6.77
C LEU A 1056 14.92 12.92 6.61
N VAL A 1057 14.30 13.96 6.05
CA VAL A 1057 15.02 15.22 5.86
C VAL A 1057 15.33 15.87 7.20
N ASN A 1058 14.39 15.79 8.14
CA ASN A 1058 14.66 16.33 9.48
C ASN A 1058 15.85 15.64 10.11
N LEU A 1059 15.98 14.33 9.90
CA LEU A 1059 17.12 13.60 10.45
C LEU A 1059 18.40 13.87 9.66
N ILE A 1060 18.28 14.18 8.37
CA ILE A 1060 19.46 14.51 7.58
C ILE A 1060 20.02 15.87 8.00
N ILE A 1061 19.14 16.83 8.31
CA ILE A 1061 19.62 18.13 8.77
C ILE A 1061 19.96 18.14 10.24
N CYS A 1062 19.71 17.05 10.96
CA CYS A 1062 20.14 16.97 12.35
C CYS A 1062 21.66 16.98 12.44
N VAL A 1063 22.34 16.31 11.51
CA VAL A 1063 23.80 16.36 11.51
C VAL A 1063 24.27 17.79 11.30
N GLY A 1064 23.58 18.53 10.42
CA GLY A 1064 23.93 19.93 10.23
C GLY A 1064 23.81 20.73 11.50
N LEU A 1065 22.68 20.56 12.21
CA LEU A 1065 22.54 21.21 13.51
C LEU A 1065 23.51 20.62 14.52
N GLY A 1066 23.70 19.30 14.48
CA GLY A 1066 24.60 18.67 15.43
C GLY A 1066 26.03 19.14 15.29
N VAL A 1067 26.46 19.47 14.07
CA VAL A 1067 27.81 19.96 13.85
C VAL A 1067 28.00 21.33 14.46
N GLU A 1068 26.95 22.16 14.48
CA GLU A 1068 27.08 23.50 15.03
C GLU A 1068 27.49 23.47 16.49
N PHE A 1069 26.85 22.60 17.28
CA PHE A 1069 27.19 22.52 18.70
C PHE A 1069 28.64 22.10 18.91
N CYS A 1070 29.10 21.14 18.11
CA CYS A 1070 30.41 20.52 18.35
C CYS A 1070 31.55 21.21 17.62
N VAL A 1071 31.30 21.85 16.48
CA VAL A 1071 32.40 22.39 15.69
C VAL A 1071 33.11 23.51 16.45
N HIS A 1072 32.35 24.33 17.17
CA HIS A 1072 32.95 25.47 17.85
C HIS A 1072 33.94 25.00 18.92
N ILE A 1073 33.59 23.97 19.68
CA ILE A 1073 34.51 23.47 20.70
C ILE A 1073 35.78 22.91 20.06
N VAL A 1074 35.63 22.13 18.98
CA VAL A 1074 36.79 21.50 18.36
C VAL A 1074 37.70 22.56 17.76
N ARG A 1075 37.14 23.56 17.10
CA ARG A 1075 37.96 24.59 16.46
C ARG A 1075 38.85 25.28 17.48
N SER A 1076 38.27 25.73 18.58
CA SER A 1076 39.06 26.43 19.60
C SER A 1076 40.12 25.52 20.18
N PHE A 1077 39.78 24.26 20.43
CA PHE A 1077 40.75 23.31 20.98
C PHE A 1077 41.92 23.12 20.03
N THR A 1078 41.64 23.01 18.73
CA THR A 1078 42.69 22.69 17.77
C THR A 1078 43.74 23.79 17.69
N VAL A 1079 43.31 25.06 17.64
CA VAL A 1079 44.21 26.19 17.53
C VAL A 1079 44.09 27.02 18.81
N VAL A 1080 45.20 27.26 19.47
CA VAL A 1080 45.18 27.91 20.78
C VAL A 1080 46.27 28.98 20.81
N PRO A 1081 46.13 29.97 21.69
CA PRO A 1081 47.20 30.97 21.85
C PRO A 1081 48.45 30.34 22.46
N SER A 1082 49.59 30.97 22.18
CA SER A 1082 50.86 30.47 22.68
C SER A 1082 50.86 30.41 24.21
N GLU A 1083 50.14 31.32 24.87
CA GLU A 1083 50.16 31.36 26.33
C GLU A 1083 49.63 30.06 26.92
N THR A 1084 48.54 29.53 26.37
CA THR A 1084 47.95 28.30 26.90
C THR A 1084 48.88 27.11 26.65
N LYS A 1085 48.96 26.24 27.65
CA LYS A 1085 49.81 25.06 27.54
C LYS A 1085 49.32 24.17 26.40
N LYS A 1086 50.28 23.54 25.71
CA LYS A 1086 49.96 22.67 24.59
C LYS A 1086 49.41 21.32 25.00
N ASP A 1087 49.36 21.02 26.30
CA ASP A 1087 48.79 19.77 26.75
C ASP A 1087 47.29 19.73 26.47
N ALA A 1088 46.78 18.52 26.26
CA ALA A 1088 45.37 18.37 25.92
C ALA A 1088 44.47 18.88 27.04
N ASN A 1089 44.77 18.52 28.29
CA ASN A 1089 43.86 18.82 29.38
C ASN A 1089 43.63 20.32 29.50
N SER A 1090 44.69 21.12 29.43
CA SER A 1090 44.54 22.56 29.51
C SER A 1090 43.90 23.16 28.26
N ARG A 1091 44.22 22.61 27.09
CA ARG A 1091 43.66 23.14 25.86
C ARG A 1091 42.13 23.03 25.85
N VAL A 1092 41.60 21.86 26.21
CA VAL A 1092 40.15 21.70 26.24
C VAL A 1092 39.53 22.62 27.30
N LEU A 1093 40.21 22.79 28.43
CA LEU A 1093 39.73 23.73 29.43
C LEU A 1093 39.72 25.15 28.88
N TYR A 1094 40.74 25.51 28.10
CA TYR A 1094 40.76 26.84 27.51
C TYR A 1094 39.60 27.04 26.55
N SER A 1095 39.33 26.05 25.68
CA SER A 1095 38.28 26.22 24.69
C SER A 1095 36.93 26.45 25.35
N LEU A 1096 36.60 25.64 26.36
CA LEU A 1096 35.32 25.81 27.04
C LEU A 1096 35.22 27.15 27.76
N ASN A 1097 36.35 27.80 28.01
CA ASN A 1097 36.34 29.11 28.66
C ASN A 1097 36.30 30.25 27.68
N THR A 1098 36.65 30.02 26.41
CA THR A 1098 36.65 31.06 25.39
C THR A 1098 35.41 31.01 24.51
N ILE A 1099 34.95 29.82 24.15
CA ILE A 1099 33.80 29.66 23.25
C ILE A 1099 32.63 28.96 23.93
N GLY A 1100 32.79 28.46 25.14
CA GLY A 1100 31.67 27.78 25.80
C GLY A 1100 30.49 28.70 26.02
N GLU A 1101 30.76 29.96 26.38
CA GLU A 1101 29.67 30.89 26.66
C GLU A 1101 28.81 31.12 25.42
N SER A 1102 29.44 31.31 24.26
CA SER A 1102 28.68 31.55 23.04
C SER A 1102 27.82 30.35 22.67
N VAL A 1103 28.37 29.14 22.83
CA VAL A 1103 27.63 27.94 22.45
C VAL A 1103 26.36 27.81 23.29
N ILE A 1104 26.46 28.07 24.59
CA ILE A 1104 25.28 27.93 25.46
C ILE A 1104 24.21 28.94 25.06
N LYS A 1105 24.61 30.18 24.78
CA LYS A 1105 23.64 31.23 24.46
C LYS A 1105 23.37 31.31 22.97
N GLY A 1106 24.40 31.55 22.17
CA GLY A 1106 24.19 31.74 20.74
C GLY A 1106 23.67 30.50 20.05
N ILE A 1107 24.23 29.34 20.35
CA ILE A 1107 23.95 28.14 19.58
C ILE A 1107 22.78 27.36 20.17
N THR A 1108 22.81 27.09 21.48
CA THR A 1108 21.84 26.19 22.07
C THR A 1108 20.52 26.89 22.40
N LEU A 1109 20.58 27.89 23.29
CA LEU A 1109 19.34 28.52 23.74
C LEU A 1109 18.59 29.16 22.59
N THR A 1110 19.30 29.61 21.54
CA THR A 1110 18.62 30.22 20.41
C THR A 1110 17.67 29.24 19.74
N LYS A 1111 18.16 28.05 19.40
CA LYS A 1111 17.30 27.04 18.79
C LYS A 1111 16.20 26.61 19.74
N PHE A 1112 16.51 26.49 21.03
CA PHE A 1112 15.51 26.07 22.00
C PHE A 1112 14.30 26.98 21.97
N ILE A 1113 14.51 28.29 21.95
CA ILE A 1113 13.39 29.23 21.88
C ILE A 1113 12.73 29.15 20.51
N GLY A 1114 13.53 28.95 19.45
CA GLY A 1114 12.96 28.92 18.12
C GLY A 1114 11.96 27.79 17.92
N VAL A 1115 12.26 26.61 18.46
CA VAL A 1115 11.41 25.44 18.27
C VAL A 1115 10.50 25.15 19.46
N CYS A 1116 10.74 25.78 20.61
CA CYS A 1116 9.89 25.52 21.77
C CYS A 1116 8.45 25.92 21.49
N VAL A 1117 8.23 27.07 20.85
CA VAL A 1117 6.88 27.51 20.53
C VAL A 1117 6.22 26.59 19.52
N LEU A 1118 6.99 25.84 18.74
CA LEU A 1118 6.42 25.00 17.71
C LEU A 1118 5.57 23.88 18.28
N ALA A 1119 5.68 23.60 19.58
CA ALA A 1119 4.84 22.58 20.20
C ALA A 1119 3.37 22.97 20.11
N PHE A 1120 3.06 24.24 20.37
CA PHE A 1120 1.69 24.75 20.29
C PHE A 1120 1.37 25.03 18.83
N ALA A 1121 1.11 23.96 18.09
CA ALA A 1121 0.78 24.05 16.67
C ALA A 1121 -0.56 23.38 16.42
N GLN A 1122 -1.40 24.05 15.63
CA GLN A 1122 -2.72 23.50 15.32
C GLN A 1122 -2.61 22.19 14.56
N SER A 1123 -1.68 22.11 13.60
CA SER A 1123 -1.50 20.91 12.80
C SER A 1123 -0.62 19.92 13.56
N LYS A 1124 -1.13 18.71 13.73
CA LYS A 1124 -0.39 17.70 14.49
C LYS A 1124 0.85 17.21 13.77
N ILE A 1125 1.01 17.54 12.49
CA ILE A 1125 2.21 17.11 11.77
C ILE A 1125 3.44 17.88 12.27
N PHE A 1126 3.28 19.17 12.59
CA PHE A 1126 4.41 19.95 13.06
C PHE A 1126 4.91 19.43 14.39
N ASP A 1127 4.01 19.08 15.31
CA ASP A 1127 4.42 18.63 16.63
C ASP A 1127 5.18 17.32 16.55
N VAL A 1128 4.66 16.34 15.83
CA VAL A 1128 5.22 15.00 15.87
C VAL A 1128 6.58 14.95 15.16
N PHE A 1129 6.69 15.58 14.00
CA PHE A 1129 7.85 15.40 13.14
C PHE A 1129 8.87 16.53 13.22
N TYR A 1130 8.42 17.78 13.36
CA TYR A 1130 9.32 18.92 13.34
C TYR A 1130 9.73 19.38 14.73
N PHE A 1131 8.90 19.16 15.73
CA PHE A 1131 9.24 19.59 17.08
C PHE A 1131 9.96 18.50 17.87
N ARG A 1132 9.35 17.31 17.98
CA ARG A 1132 9.98 16.25 18.74
C ARG A 1132 11.35 15.91 18.20
N MET A 1133 11.49 15.85 16.87
CA MET A 1133 12.79 15.52 16.28
C MET A 1133 13.82 16.61 16.60
N TRP A 1134 13.44 17.87 16.45
CA TRP A 1134 14.38 18.96 16.69
C TRP A 1134 14.57 19.23 18.18
N PHE A 1135 13.52 19.07 18.98
CA PHE A 1135 13.68 19.25 20.41
C PHE A 1135 14.56 18.16 21.01
N THR A 1136 14.40 16.92 20.56
CA THR A 1136 15.25 15.84 21.05
C THR A 1136 16.68 16.04 20.59
N LEU A 1137 16.88 16.60 19.40
CA LEU A 1137 18.24 16.85 18.92
C LEU A 1137 18.97 17.82 19.82
N ILE A 1138 18.31 18.90 20.23
CA ILE A 1138 18.97 19.90 21.06
C ILE A 1138 19.40 19.28 22.39
N ILE A 1139 18.52 18.52 23.01
CA ILE A 1139 18.84 17.91 24.31
C ILE A 1139 20.02 16.95 24.16
N VAL A 1140 19.96 16.09 23.14
CA VAL A 1140 21.04 15.12 22.96
C VAL A 1140 22.33 15.81 22.55
N ALA A 1141 22.25 16.72 21.58
CA ALA A 1141 23.45 17.42 21.13
C ALA A 1141 24.04 18.29 22.22
N ALA A 1142 23.17 18.97 22.99
CA ALA A 1142 23.66 19.78 24.10
C ALA A 1142 24.32 18.94 25.18
N LEU A 1143 24.05 17.63 25.23
CA LEU A 1143 24.76 16.77 26.16
C LEU A 1143 26.08 16.31 25.56
N HIS A 1144 26.05 15.75 24.36
CA HIS A 1144 27.28 15.26 23.76
C HIS A 1144 28.30 16.37 23.58
N ALA A 1145 27.85 17.52 23.09
CA ALA A 1145 28.79 18.59 22.76
C ALA A 1145 29.42 19.18 24.01
N LEU A 1146 28.68 19.26 25.11
CA LEU A 1146 29.12 19.96 26.30
C LEU A 1146 29.57 19.03 27.43
N LEU A 1147 29.34 17.73 27.30
CA LEU A 1147 29.74 16.79 28.34
C LEU A 1147 30.57 15.65 27.80
N PHE A 1148 30.28 15.18 26.58
CA PHE A 1148 31.02 14.06 26.00
C PHE A 1148 32.20 14.54 25.18
N LEU A 1149 32.00 15.54 24.32
CA LEU A 1149 33.09 16.04 23.48
C LEU A 1149 34.23 16.59 24.31
N PRO A 1150 34.00 17.39 25.36
CA PRO A 1150 35.14 17.83 26.19
C PRO A 1150 35.89 16.65 26.81
N ALA A 1151 35.17 15.73 27.43
CA ALA A 1151 35.83 14.56 28.03
C ALA A 1151 36.52 13.72 26.96
N LEU A 1152 35.86 13.55 25.80
CA LEU A 1152 36.45 12.74 24.74
C LEU A 1152 37.76 13.34 24.25
N LEU A 1153 37.81 14.66 24.07
CA LEU A 1153 39.00 15.29 23.54
C LEU A 1153 40.15 15.31 24.53
N SER A 1154 39.86 15.24 25.83
CA SER A 1154 40.94 15.27 26.82
C SER A 1154 41.90 14.12 26.61
N LEU A 1155 41.38 12.93 26.31
CA LEU A 1155 42.18 11.74 26.05
C LEU A 1155 42.04 11.29 24.61
N PHE A 1156 42.04 12.25 23.68
CA PHE A 1156 41.92 11.95 22.26
C PHE A 1156 43.07 11.06 21.80
#